data_2LMZ
#
_entry.id   2LMZ
#
_entity_poly.entity_id   1
_entity_poly.type   'polypeptide(L)'
_entity_poly.pdbx_seq_one_letter_code
;IPYCGQTGAECYSWCIKQDLSKDWCCDFVKDIRMNPPADKCP
;
_entity_poly.pdbx_strand_id   A
#
# COMPACT_ATOMS: atom_id res chain seq x y z
N ILE A 1 -8.97 11.07 -5.89
CA ILE A 1 -8.80 9.90 -4.98
C ILE A 1 -9.99 8.94 -5.11
N PRO A 2 -9.90 8.08 -6.08
CA PRO A 2 -10.97 7.09 -6.32
C PRO A 2 -10.94 6.01 -5.24
N TYR A 3 -11.43 4.83 -5.52
CA TYR A 3 -11.42 3.74 -4.48
C TYR A 3 -10.10 3.74 -3.70
N CYS A 4 -9.19 2.86 -4.02
CA CYS A 4 -7.90 2.82 -3.27
C CYS A 4 -7.17 4.16 -3.42
N GLY A 5 -7.18 4.72 -4.61
CA GLY A 5 -6.48 6.03 -4.81
C GLY A 5 -5.92 6.07 -6.23
N GLN A 6 -4.73 6.60 -6.40
CA GLN A 6 -4.13 6.67 -7.76
C GLN A 6 -2.89 5.78 -7.83
N THR A 7 -1.93 6.00 -6.98
CA THR A 7 -0.70 5.17 -7.01
C THR A 7 -0.70 4.19 -5.84
N GLY A 8 0.38 3.49 -5.64
CA GLY A 8 0.45 2.52 -4.50
C GLY A 8 0.85 3.25 -3.22
N ALA A 9 1.82 4.12 -3.31
CA ALA A 9 2.27 4.86 -2.10
C ALA A 9 1.04 5.37 -1.32
N GLU A 10 0.18 6.09 -1.98
CA GLU A 10 -1.03 6.63 -1.28
C GLU A 10 -1.87 5.48 -0.70
N CYS A 11 -2.05 4.42 -1.44
CA CYS A 11 -2.86 3.28 -0.91
C CYS A 11 -2.13 2.62 0.26
N TYR A 12 -0.83 2.56 0.20
CA TYR A 12 -0.05 1.94 1.30
C TYR A 12 -0.46 2.53 2.66
N SER A 13 -1.06 3.69 2.65
CA SER A 13 -1.47 4.31 3.94
C SER A 13 -2.78 3.70 4.46
N TRP A 14 -3.66 3.30 3.57
CA TRP A 14 -4.95 2.71 4.02
C TRP A 14 -4.75 1.29 4.55
N CYS A 15 -4.14 0.44 3.77
CA CYS A 15 -3.91 -0.97 4.22
C CYS A 15 -3.36 -1.03 5.64
N ILE A 16 -2.52 -0.11 6.01
CA ILE A 16 -1.94 -0.15 7.38
C ILE A 16 -3.02 0.10 8.44
N LYS A 17 -3.98 0.92 8.14
CA LYS A 17 -5.06 1.19 9.14
C LYS A 17 -5.63 -0.13 9.66
N GLN A 18 -5.45 -1.20 8.92
CA GLN A 18 -5.98 -2.52 9.38
C GLN A 18 -5.19 -2.99 10.60
N ASP A 19 -4.05 -2.40 10.84
CA ASP A 19 -3.22 -2.79 12.01
C ASP A 19 -2.84 -4.28 11.94
N LEU A 20 -2.46 -4.75 10.79
CA LEU A 20 -2.07 -6.20 10.69
C LEU A 20 -0.55 -6.32 10.80
N SER A 21 0.18 -5.69 9.92
CA SER A 21 1.66 -5.77 9.98
C SER A 21 2.28 -4.92 8.87
N LYS A 22 3.46 -4.38 9.08
CA LYS A 22 4.10 -3.55 8.03
C LYS A 22 4.26 -4.36 6.74
N ASP A 23 4.44 -5.65 6.87
CA ASP A 23 4.59 -6.51 5.66
C ASP A 23 3.20 -6.87 5.12
N TRP A 24 2.21 -6.75 5.96
CA TRP A 24 0.82 -7.08 5.52
C TRP A 24 0.44 -6.20 4.32
N CYS A 25 0.60 -4.91 4.46
CA CYS A 25 0.24 -4.00 3.32
C CYS A 25 1.27 -4.13 2.20
N CYS A 26 2.53 -4.16 2.53
CA CYS A 26 3.58 -4.28 1.48
C CYS A 26 3.18 -5.36 0.47
N ASP A 27 2.62 -6.43 0.94
CA ASP A 27 2.21 -7.53 0.02
C ASP A 27 0.80 -7.26 -0.53
N PHE A 28 0.04 -6.41 0.11
CA PHE A 28 -1.34 -6.14 -0.39
C PHE A 28 -1.31 -5.11 -1.54
N VAL A 29 -0.92 -3.90 -1.28
CA VAL A 29 -0.90 -2.88 -2.36
C VAL A 29 0.02 -3.32 -3.50
N LYS A 30 0.98 -4.16 -3.21
CA LYS A 30 1.89 -4.63 -4.30
C LYS A 30 1.21 -5.73 -5.12
N ASP A 31 0.29 -6.43 -4.53
CA ASP A 31 -0.43 -7.52 -5.26
C ASP A 31 -1.55 -6.93 -6.11
N ILE A 32 -1.96 -5.72 -5.84
CA ILE A 32 -3.06 -5.10 -6.64
C ILE A 32 -2.52 -4.54 -7.97
N ARG A 33 -1.56 -5.19 -8.56
CA ARG A 33 -1.02 -4.68 -9.85
C ARG A 33 -0.81 -3.16 -9.77
N MET A 34 -0.25 -2.70 -8.70
CA MET A 34 -0.01 -1.23 -8.56
C MET A 34 1.49 -0.93 -8.52
N ASN A 35 1.86 0.31 -8.43
CA ASN A 35 3.30 0.67 -8.38
C ASN A 35 3.67 1.21 -7.00
N PRO A 36 4.14 0.33 -6.16
CA PRO A 36 4.52 0.72 -4.78
C PRO A 36 5.82 1.53 -4.80
N PRO A 37 5.93 2.41 -3.84
CA PRO A 37 7.14 3.26 -3.74
C PRO A 37 8.29 2.49 -3.09
N ALA A 38 9.49 2.97 -3.23
CA ALA A 38 10.66 2.25 -2.63
C ALA A 38 11.02 2.90 -1.29
N ASP A 39 10.30 3.90 -0.88
CA ASP A 39 10.60 4.57 0.42
C ASP A 39 9.57 4.15 1.48
N LYS A 40 8.98 3.00 1.33
CA LYS A 40 7.96 2.54 2.31
C LYS A 40 8.26 1.11 2.75
N CYS A 41 8.56 0.25 1.81
CA CYS A 41 8.86 -1.17 2.17
C CYS A 41 10.25 -1.57 1.68
N PRO A 42 11.12 -1.84 2.62
CA PRO A 42 12.51 -2.23 2.27
C PRO A 42 12.53 -3.66 1.71
N ILE A 1 -8.77 15.44 -8.40
CA ILE A 1 -9.48 14.30 -7.72
C ILE A 1 -8.61 13.05 -7.76
N PRO A 2 -7.67 13.00 -6.86
CA PRO A 2 -6.75 11.84 -6.79
C PRO A 2 -7.40 10.68 -6.02
N TYR A 3 -7.50 9.54 -6.63
CA TYR A 3 -8.12 8.36 -5.93
C TYR A 3 -7.03 7.54 -5.24
N CYS A 4 -7.13 7.35 -3.96
CA CYS A 4 -6.09 6.56 -3.23
C CYS A 4 -4.70 7.18 -3.42
N GLY A 5 -4.62 8.34 -4.01
CA GLY A 5 -3.30 9.00 -4.21
C GLY A 5 -2.81 8.73 -5.63
N GLN A 6 -3.58 8.02 -6.41
CA GLN A 6 -3.15 7.72 -7.81
C GLN A 6 -1.90 6.84 -7.81
N THR A 7 -1.53 6.32 -6.68
CA THR A 7 -0.32 5.45 -6.61
C THR A 7 -0.42 4.47 -5.45
N GLY A 8 0.01 3.25 -5.63
CA GLY A 8 -0.06 2.24 -4.54
C GLY A 8 0.77 2.74 -3.35
N ALA A 9 1.65 3.68 -3.59
CA ALA A 9 2.49 4.20 -2.47
C ALA A 9 1.64 5.05 -1.51
N GLU A 10 0.59 5.65 -2.01
CA GLU A 10 -0.28 6.48 -1.13
C GLU A 10 -1.23 5.58 -0.33
N CYS A 11 -1.80 4.59 -0.97
CA CYS A 11 -2.72 3.68 -0.25
C CYS A 11 -1.96 2.88 0.81
N TYR A 12 -0.65 2.82 0.69
CA TYR A 12 0.15 2.07 1.69
C TYR A 12 -0.38 2.35 3.10
N SER A 13 -0.52 3.59 3.45
CA SER A 13 -1.04 3.93 4.82
C SER A 13 -2.40 3.28 5.05
N TRP A 14 -3.09 2.91 4.01
CA TRP A 14 -4.44 2.27 4.19
C TRP A 14 -4.27 0.79 4.57
N CYS A 15 -3.71 0.00 3.68
CA CYS A 15 -3.52 -1.46 4.01
C CYS A 15 -3.02 -1.61 5.45
N ILE A 16 -2.38 -0.61 5.98
CA ILE A 16 -1.87 -0.71 7.38
C ILE A 16 -3.01 -0.48 8.39
N LYS A 17 -4.03 0.22 7.99
CA LYS A 17 -5.16 0.48 8.93
C LYS A 17 -5.97 -0.80 9.15
N GLN A 18 -5.93 -1.70 8.21
CA GLN A 18 -6.69 -2.97 8.35
C GLN A 18 -6.24 -3.70 9.62
N ASP A 19 -5.11 -3.31 10.16
CA ASP A 19 -4.59 -3.94 11.42
C ASP A 19 -3.92 -5.29 11.15
N LEU A 20 -2.82 -5.31 10.43
CA LEU A 20 -2.11 -6.61 10.19
C LEU A 20 -0.61 -6.43 10.42
N SER A 21 0.01 -5.52 9.72
CA SER A 21 1.47 -5.30 9.90
C SER A 21 2.01 -4.33 8.84
N LYS A 22 3.18 -3.79 9.06
CA LYS A 22 3.74 -2.84 8.07
C LYS A 22 4.01 -3.56 6.75
N ASP A 23 4.58 -4.73 6.81
CA ASP A 23 4.86 -5.49 5.55
C ASP A 23 3.54 -6.03 4.98
N TRP A 24 2.63 -6.43 5.82
CA TRP A 24 1.33 -6.96 5.31
C TRP A 24 0.77 -6.00 4.26
N CYS A 25 0.91 -4.72 4.48
CA CYS A 25 0.39 -3.73 3.49
C CYS A 25 1.37 -3.61 2.31
N CYS A 26 2.63 -3.49 2.58
CA CYS A 26 3.62 -3.37 1.48
C CYS A 26 3.31 -4.40 0.38
N ASP A 27 2.86 -5.56 0.76
CA ASP A 27 2.53 -6.60 -0.24
C ASP A 27 1.10 -6.41 -0.73
N PHE A 28 0.26 -5.82 0.08
CA PHE A 28 -1.15 -5.59 -0.33
C PHE A 28 -1.21 -4.63 -1.51
N VAL A 29 -0.47 -3.55 -1.46
CA VAL A 29 -0.49 -2.59 -2.59
C VAL A 29 -0.04 -3.28 -3.88
N LYS A 30 0.79 -4.28 -3.77
CA LYS A 30 1.25 -5.01 -4.99
C LYS A 30 0.20 -6.04 -5.41
N ASP A 31 -0.56 -6.55 -4.48
CA ASP A 31 -1.60 -7.55 -4.84
C ASP A 31 -2.73 -6.88 -5.62
N ILE A 32 -2.82 -5.58 -5.54
CA ILE A 32 -3.90 -4.87 -6.29
C ILE A 32 -3.38 -4.42 -7.65
N ARG A 33 -2.28 -4.98 -8.09
CA ARG A 33 -1.70 -4.60 -9.42
C ARG A 33 -1.06 -3.21 -9.37
N MET A 34 -0.74 -2.72 -8.19
CA MET A 34 -0.10 -1.39 -8.09
C MET A 34 1.40 -1.52 -7.83
N ASN A 35 2.15 -0.47 -8.04
CA ASN A 35 3.61 -0.54 -7.80
C ASN A 35 3.96 0.03 -6.42
N PRO A 36 4.50 -0.81 -5.59
CA PRO A 36 4.88 -0.38 -4.22
C PRO A 36 6.13 0.49 -4.26
N PRO A 37 6.16 1.46 -3.38
CA PRO A 37 7.31 2.38 -3.31
C PRO A 37 8.49 1.71 -2.58
N ALA A 38 9.69 1.90 -3.06
CA ALA A 38 10.87 1.28 -2.39
C ALA A 38 11.41 2.21 -1.32
N ASP A 39 11.29 3.50 -1.50
CA ASP A 39 11.80 4.46 -0.48
C ASP A 39 10.73 4.72 0.58
N LYS A 40 9.49 4.45 0.26
CA LYS A 40 8.40 4.70 1.26
C LYS A 40 8.07 3.41 2.00
N CYS A 41 8.32 2.27 1.40
CA CYS A 41 8.02 0.98 2.08
C CYS A 41 9.26 0.09 2.09
N PRO A 42 10.33 0.62 2.62
CA PRO A 42 11.59 -0.15 2.70
C PRO A 42 11.51 -1.23 3.78
N ILE A 1 -10.64 4.23 -11.79
CA ILE A 1 -10.90 3.34 -10.61
C ILE A 1 -10.59 4.06 -9.31
N PRO A 2 -11.41 5.03 -9.00
CA PRO A 2 -11.24 5.83 -7.77
C PRO A 2 -11.77 5.04 -6.57
N TYR A 3 -10.93 4.27 -5.92
CA TYR A 3 -11.39 3.48 -4.75
C TYR A 3 -10.52 3.75 -3.51
N CYS A 4 -9.37 4.33 -3.71
CA CYS A 4 -8.48 4.62 -2.54
C CYS A 4 -7.32 5.53 -2.96
N GLY A 5 -6.81 5.35 -4.14
CA GLY A 5 -5.68 6.21 -4.59
C GLY A 5 -5.29 5.85 -6.03
N GLN A 6 -4.95 6.83 -6.82
CA GLN A 6 -4.56 6.55 -8.23
C GLN A 6 -3.24 5.76 -8.25
N THR A 7 -2.50 5.80 -7.18
CA THR A 7 -1.22 5.04 -7.13
C THR A 7 -1.22 4.08 -5.94
N GLY A 8 -0.24 3.23 -5.83
CA GLY A 8 -0.19 2.28 -4.69
C GLY A 8 0.28 3.01 -3.43
N ALA A 9 0.94 4.12 -3.59
CA ALA A 9 1.44 4.88 -2.40
C ALA A 9 0.28 5.62 -1.73
N GLU A 10 -0.79 5.82 -2.45
CA GLU A 10 -1.96 6.56 -1.86
C GLU A 10 -2.79 5.62 -0.98
N CYS A 11 -3.07 4.44 -1.44
CA CYS A 11 -3.88 3.48 -0.63
C CYS A 11 -3.00 2.79 0.40
N TYR A 12 -1.71 2.82 0.22
CA TYR A 12 -0.79 2.16 1.21
C TYR A 12 -1.22 2.52 2.63
N SER A 13 -1.76 3.68 2.80
CA SER A 13 -2.19 4.13 4.16
C SER A 13 -3.37 3.30 4.69
N TRP A 14 -4.28 2.91 3.83
CA TRP A 14 -5.46 2.13 4.32
C TRP A 14 -5.05 0.70 4.69
N CYS A 15 -4.55 -0.05 3.74
CA CYS A 15 -4.13 -1.45 4.05
C CYS A 15 -3.39 -1.51 5.39
N ILE A 16 -2.51 -0.58 5.63
CA ILE A 16 -1.76 -0.57 6.92
C ILE A 16 -2.62 0.02 8.03
N LYS A 17 -3.67 0.70 7.69
CA LYS A 17 -4.56 1.31 8.72
C LYS A 17 -4.97 0.28 9.77
N GLN A 18 -4.83 -0.99 9.49
CA GLN A 18 -5.24 -2.01 10.50
C GLN A 18 -4.09 -2.27 11.47
N ASP A 19 -3.11 -1.39 11.49
CA ASP A 19 -1.95 -1.58 12.41
C ASP A 19 -1.59 -3.06 12.51
N LEU A 20 -1.00 -3.61 11.46
CA LEU A 20 -0.65 -5.05 11.50
C LEU A 20 0.77 -5.28 10.95
N SER A 21 1.26 -4.40 10.11
CA SER A 21 2.65 -4.59 9.57
C SER A 21 2.90 -3.65 8.38
N LYS A 22 4.14 -3.33 8.13
CA LYS A 22 4.47 -2.44 6.98
C LYS A 22 4.58 -3.30 5.72
N ASP A 23 5.08 -4.49 5.87
CA ASP A 23 5.19 -5.40 4.70
C ASP A 23 3.79 -5.92 4.37
N TRP A 24 2.92 -5.87 5.34
CA TRP A 24 1.52 -6.33 5.14
C TRP A 24 0.94 -5.68 3.88
N CYS A 25 1.05 -4.39 3.78
CA CYS A 25 0.49 -3.68 2.59
C CYS A 25 1.46 -3.72 1.42
N CYS A 26 2.74 -3.68 1.69
CA CYS A 26 3.73 -3.70 0.59
C CYS A 26 3.32 -4.73 -0.47
N ASP A 27 2.90 -5.89 -0.05
CA ASP A 27 2.48 -6.94 -1.03
C ASP A 27 1.01 -6.75 -1.40
N PHE A 28 0.25 -6.11 -0.56
CA PHE A 28 -1.20 -5.89 -0.86
C PHE A 28 -1.38 -5.01 -2.09
N VAL A 29 -0.68 -3.90 -2.15
CA VAL A 29 -0.83 -3.00 -3.33
C VAL A 29 -0.09 -3.58 -4.55
N LYS A 30 0.94 -4.34 -4.32
CA LYS A 30 1.70 -4.93 -5.46
C LYS A 30 0.86 -5.99 -6.17
N ASP A 31 -0.11 -6.55 -5.50
CA ASP A 31 -0.95 -7.60 -6.14
C ASP A 31 -2.05 -6.98 -7.01
N ILE A 32 -2.36 -5.73 -6.81
CA ILE A 32 -3.42 -5.08 -7.64
C ILE A 32 -2.81 -4.32 -8.82
N ARG A 33 -1.73 -4.81 -9.36
CA ARG A 33 -1.08 -4.13 -10.52
C ARG A 33 -0.72 -2.68 -10.15
N MET A 34 0.02 -2.50 -9.09
CA MET A 34 0.41 -1.11 -8.69
C MET A 34 1.90 -1.08 -8.30
N ASN A 35 2.37 0.05 -7.86
CA ASN A 35 3.81 0.15 -7.46
C ASN A 35 3.92 0.59 -6.01
N PRO A 36 4.31 -0.35 -5.17
CA PRO A 36 4.46 -0.05 -3.72
C PRO A 36 5.70 0.80 -3.48
N PRO A 37 5.62 1.62 -2.46
CA PRO A 37 6.76 2.49 -2.10
C PRO A 37 7.85 1.68 -1.38
N ALA A 38 9.09 1.99 -1.64
CA ALA A 38 10.19 1.24 -0.97
C ALA A 38 10.53 1.89 0.38
N ASP A 39 9.59 2.59 0.96
CA ASP A 39 9.86 3.24 2.27
C ASP A 39 9.49 2.30 3.42
N LYS A 40 8.33 1.70 3.35
CA LYS A 40 7.91 0.78 4.44
C LYS A 40 8.14 -0.68 4.03
N CYS A 41 8.98 -0.89 3.06
CA CYS A 41 9.26 -2.30 2.61
C CYS A 41 10.66 -2.73 3.06
N PRO A 42 10.73 -3.19 4.28
CA PRO A 42 12.02 -3.64 4.86
C PRO A 42 12.45 -4.97 4.22
N ILE A 1 -6.48 17.12 -0.45
CA ILE A 1 -7.43 15.97 -0.56
C ILE A 1 -6.67 14.65 -0.43
N PRO A 2 -6.80 14.05 0.71
CA PRO A 2 -6.13 12.77 1.00
C PRO A 2 -6.85 11.61 0.30
N TYR A 3 -6.81 11.57 -1.00
CA TYR A 3 -7.50 10.47 -1.74
C TYR A 3 -6.46 9.54 -2.38
N CYS A 4 -6.83 8.31 -2.61
CA CYS A 4 -5.88 7.35 -3.24
C CYS A 4 -5.82 7.59 -4.74
N GLY A 5 -4.93 8.42 -5.18
CA GLY A 5 -4.81 8.73 -6.63
C GLY A 5 -4.40 7.46 -7.40
N GLN A 6 -5.28 6.49 -7.46
CA GLN A 6 -4.97 5.24 -8.21
C GLN A 6 -3.50 4.85 -8.01
N THR A 7 -3.01 4.92 -6.81
CA THR A 7 -1.59 4.57 -6.56
C THR A 7 -1.47 3.69 -5.31
N GLY A 8 -0.53 2.77 -5.32
CA GLY A 8 -0.36 1.88 -4.14
C GLY A 8 0.14 2.70 -2.94
N ALA A 9 1.24 3.38 -3.11
CA ALA A 9 1.78 4.19 -1.98
C ALA A 9 0.68 5.07 -1.38
N GLU A 10 -0.27 5.47 -2.17
CA GLU A 10 -1.38 6.32 -1.65
C GLU A 10 -2.22 5.56 -0.63
N CYS A 11 -2.67 4.39 -0.99
CA CYS A 11 -3.50 3.59 -0.03
C CYS A 11 -2.61 2.93 1.02
N TYR A 12 -1.37 2.71 0.70
CA TYR A 12 -0.44 2.06 1.68
C TYR A 12 -0.68 2.62 3.08
N SER A 13 -1.06 3.86 3.18
CA SER A 13 -1.31 4.46 4.52
C SER A 13 -2.66 3.99 5.09
N TRP A 14 -3.61 3.70 4.23
CA TRP A 14 -4.93 3.25 4.73
C TRP A 14 -4.88 1.76 5.10
N CYS A 15 -4.55 0.92 4.17
CA CYS A 15 -4.48 -0.54 4.46
C CYS A 15 -3.84 -0.79 5.83
N ILE A 16 -2.87 0.02 6.18
CA ILE A 16 -2.19 -0.18 7.49
C ILE A 16 -3.16 0.10 8.65
N LYS A 17 -4.26 0.76 8.38
CA LYS A 17 -5.24 1.04 9.46
C LYS A 17 -5.69 -0.27 10.13
N GLN A 18 -5.81 -1.33 9.37
CA GLN A 18 -6.23 -2.62 9.97
C GLN A 18 -5.28 -2.98 11.11
N ASP A 19 -4.07 -2.47 11.08
CA ASP A 19 -3.10 -2.76 12.18
C ASP A 19 -2.63 -4.22 12.13
N LEU A 20 -2.24 -4.71 10.98
CA LEU A 20 -1.76 -6.12 10.91
C LEU A 20 -0.23 -6.14 10.96
N SER A 21 0.41 -5.40 10.10
CA SER A 21 1.90 -5.36 10.08
C SER A 21 2.38 -4.54 8.87
N LYS A 22 3.54 -3.94 8.97
CA LYS A 22 4.04 -3.12 7.83
C LYS A 22 4.16 -3.98 6.58
N ASP A 23 4.39 -5.26 6.75
CA ASP A 23 4.51 -6.17 5.57
C ASP A 23 3.11 -6.63 5.15
N TRP A 24 2.12 -6.40 5.98
CA TRP A 24 0.74 -6.82 5.63
C TRP A 24 0.24 -6.04 4.41
N CYS A 25 0.46 -4.75 4.40
CA CYS A 25 0.00 -3.94 3.23
C CYS A 25 1.05 -3.94 2.13
N CYS A 26 2.30 -4.00 2.50
CA CYS A 26 3.38 -4.01 1.46
C CYS A 26 2.99 -4.96 0.33
N ASP A 27 2.38 -6.06 0.66
CA ASP A 27 1.96 -7.03 -0.40
C ASP A 27 0.61 -6.62 -0.96
N PHE A 28 -0.17 -5.89 -0.20
CA PHE A 28 -1.51 -5.47 -0.68
C PHE A 28 -1.40 -4.71 -2.02
N VAL A 29 -0.59 -3.68 -2.08
CA VAL A 29 -0.47 -2.91 -3.34
C VAL A 29 0.32 -3.73 -4.39
N LYS A 30 1.20 -4.58 -3.94
CA LYS A 30 2.01 -5.39 -4.90
C LYS A 30 1.10 -6.39 -5.63
N ASP A 31 0.01 -6.77 -5.04
CA ASP A 31 -0.90 -7.76 -5.70
C ASP A 31 -1.69 -7.08 -6.83
N ILE A 32 -2.06 -5.84 -6.65
CA ILE A 32 -2.83 -5.13 -7.72
C ILE A 32 -1.88 -4.63 -8.80
N ARG A 33 -0.62 -4.99 -8.73
CA ARG A 33 0.35 -4.55 -9.76
C ARG A 33 0.39 -3.03 -9.84
N MET A 34 0.45 -2.36 -8.73
CA MET A 34 0.48 -0.87 -8.74
C MET A 34 1.94 -0.40 -8.64
N ASN A 35 2.14 0.87 -8.40
CA ASN A 35 3.53 1.40 -8.30
C ASN A 35 4.03 1.30 -6.86
N PRO A 36 4.95 0.40 -6.64
CA PRO A 36 5.52 0.19 -5.29
C PRO A 36 6.57 1.25 -4.98
N PRO A 37 6.40 1.93 -3.88
CA PRO A 37 7.37 2.96 -3.48
C PRO A 37 8.62 2.29 -2.89
N ALA A 38 9.77 2.57 -3.44
CA ALA A 38 11.02 1.96 -2.91
C ALA A 38 11.37 2.55 -1.55
N ASP A 39 10.68 3.58 -1.14
CA ASP A 39 10.97 4.19 0.19
C ASP A 39 9.83 3.88 1.17
N LYS A 40 9.47 2.63 1.28
CA LYS A 40 8.35 2.27 2.21
C LYS A 40 8.53 0.81 2.68
N CYS A 41 9.01 -0.06 1.83
CA CYS A 41 9.19 -1.48 2.26
C CYS A 41 10.62 -1.94 1.99
N PRO A 42 11.14 -2.73 2.90
CA PRO A 42 12.52 -3.25 2.77
C PRO A 42 12.58 -4.31 1.68
N ILE A 1 -4.79 14.14 1.97
CA ILE A 1 -5.17 12.86 2.62
C ILE A 1 -4.94 11.69 1.65
N PRO A 2 -4.43 10.62 2.19
CA PRO A 2 -4.13 9.42 1.39
C PRO A 2 -5.39 8.56 1.26
N TYR A 3 -5.75 8.19 0.06
CA TYR A 3 -6.97 7.35 -0.12
C TYR A 3 -6.83 6.46 -1.37
N CYS A 4 -5.64 6.04 -1.66
CA CYS A 4 -5.43 5.17 -2.87
C CYS A 4 -5.82 5.92 -4.14
N GLY A 5 -4.85 6.46 -4.84
CA GLY A 5 -5.15 7.20 -6.09
C GLY A 5 -4.72 6.38 -7.30
N GLN A 6 -3.49 6.53 -7.73
CA GLN A 6 -3.01 5.75 -8.91
C GLN A 6 -1.63 5.16 -8.61
N THR A 7 -1.36 4.86 -7.38
CA THR A 7 -0.03 4.28 -7.02
C THR A 7 -0.12 3.48 -5.72
N GLY A 8 0.90 2.74 -5.38
CA GLY A 8 0.87 1.94 -4.13
C GLY A 8 1.21 2.82 -2.93
N ALA A 9 1.77 3.97 -3.17
CA ALA A 9 2.14 4.88 -2.05
C ALA A 9 0.88 5.53 -1.46
N GLU A 10 -0.10 5.80 -2.28
CA GLU A 10 -1.35 6.43 -1.77
C GLU A 10 -2.10 5.46 -0.86
N CYS A 11 -2.32 4.26 -1.34
CA CYS A 11 -3.06 3.26 -0.52
C CYS A 11 -2.12 2.67 0.55
N TYR A 12 -0.84 2.69 0.30
CA TYR A 12 0.13 2.15 1.30
C TYR A 12 -0.30 2.53 2.71
N SER A 13 -0.96 3.64 2.85
CA SER A 13 -1.41 4.09 4.19
C SER A 13 -2.69 3.36 4.62
N TRP A 14 -3.73 3.45 3.83
CA TRP A 14 -5.01 2.78 4.20
C TRP A 14 -4.78 1.29 4.51
N CYS A 15 -4.30 0.54 3.57
CA CYS A 15 -4.06 -0.91 3.79
C CYS A 15 -3.47 -1.16 5.18
N ILE A 16 -2.59 -0.33 5.62
CA ILE A 16 -1.96 -0.54 6.96
C ILE A 16 -2.95 -0.25 8.09
N LYS A 17 -4.04 0.41 7.81
CA LYS A 17 -5.01 0.71 8.90
C LYS A 17 -5.50 -0.60 9.53
N GLN A 18 -5.33 -1.70 8.85
CA GLN A 18 -5.77 -3.01 9.43
C GLN A 18 -4.95 -3.34 10.65
N ASP A 19 -3.79 -2.74 10.77
CA ASP A 19 -2.91 -2.99 11.96
C ASP A 19 -2.22 -4.37 11.86
N LEU A 20 -2.15 -4.96 10.70
CA LEU A 20 -1.46 -6.28 10.59
C LEU A 20 0.05 -6.07 10.76
N SER A 21 0.69 -5.49 9.78
CA SER A 21 2.16 -5.24 9.87
C SER A 21 2.60 -4.31 8.74
N LYS A 22 3.85 -3.96 8.68
CA LYS A 22 4.31 -3.04 7.60
C LYS A 22 4.43 -3.83 6.29
N ASP A 23 4.65 -5.12 6.38
CA ASP A 23 4.76 -5.95 5.15
C ASP A 23 3.36 -6.36 4.71
N TRP A 24 2.42 -6.35 5.62
CA TRP A 24 1.02 -6.72 5.28
C TRP A 24 0.54 -5.91 4.08
N CYS A 25 0.73 -4.61 4.13
CA CYS A 25 0.28 -3.76 3.00
C CYS A 25 1.31 -3.77 1.86
N CYS A 26 2.57 -3.70 2.20
CA CYS A 26 3.61 -3.68 1.13
C CYS A 26 3.28 -4.73 0.06
N ASP A 27 2.80 -5.87 0.46
CA ASP A 27 2.44 -6.92 -0.53
C ASP A 27 1.02 -6.69 -1.02
N PHE A 28 0.21 -6.01 -0.26
CA PHE A 28 -1.20 -5.75 -0.69
C PHE A 28 -1.22 -4.93 -1.97
N VAL A 29 -0.73 -3.71 -1.92
CA VAL A 29 -0.72 -2.86 -3.14
C VAL A 29 -0.26 -3.70 -4.34
N LYS A 30 0.69 -4.57 -4.14
CA LYS A 30 1.18 -5.41 -5.28
C LYS A 30 0.03 -6.31 -5.78
N ASP A 31 -0.76 -6.82 -4.88
CA ASP A 31 -1.89 -7.71 -5.30
C ASP A 31 -2.82 -6.98 -6.28
N ILE A 32 -3.18 -5.76 -6.01
CA ILE A 32 -4.07 -5.03 -6.93
C ILE A 32 -3.27 -4.32 -8.03
N ARG A 33 -2.12 -4.86 -8.37
CA ARG A 33 -1.29 -4.22 -9.43
C ARG A 33 -1.12 -2.73 -9.17
N MET A 34 -0.21 -2.36 -8.31
CA MET A 34 0.01 -0.92 -8.03
C MET A 34 1.51 -0.62 -7.93
N ASN A 35 1.89 0.57 -7.52
CA ASN A 35 3.33 0.90 -7.41
C ASN A 35 3.80 0.77 -5.96
N PRO A 36 4.54 -0.28 -5.71
CA PRO A 36 5.06 -0.54 -4.35
C PRO A 36 6.27 0.36 -4.05
N PRO A 37 6.09 1.27 -3.14
CA PRO A 37 7.19 2.16 -2.77
C PRO A 37 8.18 1.43 -1.84
N ALA A 38 9.43 1.39 -2.21
CA ALA A 38 10.43 0.70 -1.34
C ALA A 38 11.03 1.68 -0.35
N ASP A 39 11.17 2.93 -0.73
CA ASP A 39 11.77 3.94 0.19
C ASP A 39 10.68 4.49 1.12
N LYS A 40 9.50 3.91 1.10
CA LYS A 40 8.41 4.41 1.98
C LYS A 40 7.92 3.28 2.90
N CYS A 41 7.58 2.15 2.34
CA CYS A 41 7.10 1.02 3.19
C CYS A 41 8.29 0.21 3.70
N PRO A 42 8.51 0.27 4.98
CA PRO A 42 9.63 -0.48 5.61
C PRO A 42 9.31 -1.98 5.64
N ILE A 1 -16.39 7.37 -4.84
CA ILE A 1 -16.00 6.28 -5.77
C ILE A 1 -14.65 5.68 -5.35
N PRO A 2 -14.39 4.49 -5.82
CA PRO A 2 -13.13 3.80 -5.49
C PRO A 2 -11.96 4.40 -6.28
N TYR A 3 -10.80 4.49 -5.68
CA TYR A 3 -9.63 5.07 -6.41
C TYR A 3 -8.33 4.56 -5.80
N CYS A 4 -8.28 4.42 -4.52
CA CYS A 4 -7.03 3.92 -3.86
C CYS A 4 -5.84 4.74 -4.36
N GLY A 5 -6.05 6.00 -4.63
CA GLY A 5 -4.93 6.85 -5.12
C GLY A 5 -4.47 6.33 -6.48
N GLN A 6 -3.76 7.14 -7.22
CA GLN A 6 -3.28 6.69 -8.56
C GLN A 6 -2.03 5.81 -8.40
N THR A 7 -1.46 5.80 -7.23
CA THR A 7 -0.24 4.96 -7.01
C THR A 7 -0.30 4.28 -5.63
N GLY A 8 0.23 3.09 -5.53
CA GLY A 8 0.20 2.37 -4.23
C GLY A 8 0.75 3.29 -3.13
N ALA A 9 1.71 4.12 -3.45
CA ALA A 9 2.28 5.03 -2.41
C ALA A 9 1.16 5.77 -1.69
N GLU A 10 0.02 5.92 -2.32
CA GLU A 10 -1.10 6.64 -1.66
C GLU A 10 -1.92 5.68 -0.80
N CYS A 11 -2.11 4.46 -1.24
CA CYS A 11 -2.91 3.49 -0.44
C CYS A 11 -2.03 2.85 0.65
N TYR A 12 -0.75 2.80 0.45
CA TYR A 12 0.15 2.20 1.47
C TYR A 12 -0.30 2.62 2.88
N SER A 13 -0.87 3.77 2.98
CA SER A 13 -1.34 4.27 4.31
C SER A 13 -2.62 3.54 4.74
N TRP A 14 -3.55 3.36 3.83
CA TRP A 14 -4.83 2.68 4.19
C TRP A 14 -4.58 1.21 4.58
N CYS A 15 -4.05 0.43 3.68
CA CYS A 15 -3.77 -1.01 3.98
C CYS A 15 -3.21 -1.18 5.39
N ILE A 16 -2.26 -0.37 5.77
CA ILE A 16 -1.67 -0.50 7.13
C ILE A 16 -2.75 -0.28 8.20
N LYS A 17 -3.86 0.29 7.83
CA LYS A 17 -4.96 0.52 8.81
C LYS A 17 -5.39 -0.81 9.43
N GLN A 18 -5.54 -1.83 8.62
CA GLN A 18 -5.96 -3.15 9.17
C GLN A 18 -5.13 -3.50 10.41
N ASP A 19 -3.95 -2.96 10.51
CA ASP A 19 -3.08 -3.25 11.69
C ASP A 19 -2.58 -4.68 11.66
N LEU A 20 -2.25 -5.20 10.51
CA LEU A 20 -1.74 -6.60 10.46
C LEU A 20 -0.22 -6.60 10.59
N SER A 21 0.44 -5.67 9.94
CA SER A 21 1.92 -5.60 10.01
C SER A 21 2.45 -4.66 8.92
N LYS A 22 3.40 -3.81 9.25
CA LYS A 22 3.94 -2.88 8.23
C LYS A 22 4.31 -3.66 6.97
N ASP A 23 4.55 -4.93 7.10
CA ASP A 23 4.90 -5.75 5.90
C ASP A 23 3.63 -6.32 5.27
N TRP A 24 2.53 -6.22 5.98
CA TRP A 24 1.25 -6.75 5.43
C TRP A 24 0.79 -5.86 4.26
N CYS A 25 0.74 -4.58 4.46
CA CYS A 25 0.28 -3.67 3.38
C CYS A 25 1.34 -3.64 2.26
N CYS A 26 2.60 -3.59 2.63
CA CYS A 26 3.66 -3.56 1.60
C CYS A 26 3.35 -4.58 0.49
N ASP A 27 2.76 -5.68 0.85
CA ASP A 27 2.43 -6.72 -0.17
C ASP A 27 1.07 -6.44 -0.81
N PHE A 28 0.20 -5.72 -0.14
CA PHE A 28 -1.14 -5.45 -0.73
C PHE A 28 -1.03 -4.53 -1.95
N VAL A 29 -0.62 -3.31 -1.75
CA VAL A 29 -0.49 -2.36 -2.90
C VAL A 29 0.17 -3.09 -4.08
N LYS A 30 1.10 -3.95 -3.79
CA LYS A 30 1.80 -4.70 -4.89
C LYS A 30 0.87 -5.77 -5.47
N ASP A 31 -0.08 -6.24 -4.70
CA ASP A 31 -1.02 -7.28 -5.21
C ASP A 31 -2.13 -6.64 -6.03
N ILE A 32 -2.45 -5.40 -5.77
CA ILE A 32 -3.53 -4.71 -6.53
C ILE A 32 -2.99 -4.20 -7.88
N ARG A 33 -2.22 -5.01 -8.56
CA ARG A 33 -1.65 -4.58 -9.88
C ARG A 33 -1.23 -3.11 -9.85
N MET A 34 -0.57 -2.70 -8.81
CA MET A 34 -0.10 -1.28 -8.74
C MET A 34 1.41 -1.25 -8.53
N ASN A 35 1.99 -0.07 -8.47
CA ASN A 35 3.46 0.01 -8.26
C ASN A 35 3.78 0.26 -6.78
N PRO A 36 4.35 -0.72 -6.15
CA PRO A 36 4.71 -0.62 -4.72
C PRO A 36 6.01 0.16 -4.54
N PRO A 37 5.92 1.21 -3.76
CA PRO A 37 7.11 2.03 -3.50
C PRO A 37 8.00 1.36 -2.46
N ALA A 38 9.28 1.26 -2.72
CA ALA A 38 10.19 0.61 -1.74
C ALA A 38 10.61 1.61 -0.65
N ASP A 39 10.35 2.88 -0.87
CA ASP A 39 10.74 3.90 0.16
C ASP A 39 9.69 3.94 1.28
N LYS A 40 8.47 3.62 0.98
CA LYS A 40 7.41 3.64 2.04
C LYS A 40 7.21 2.25 2.61
N CYS A 41 8.13 1.35 2.38
CA CYS A 41 7.99 -0.03 2.91
C CYS A 41 9.14 -0.35 3.88
N PRO A 42 8.97 0.03 5.11
CA PRO A 42 10.00 -0.23 6.13
C PRO A 42 10.03 -1.72 6.51
N ILE A 1 -14.69 -1.08 -8.87
CA ILE A 1 -14.46 0.31 -8.37
C ILE A 1 -12.99 0.49 -7.97
N PRO A 2 -12.22 0.98 -8.90
CA PRO A 2 -10.78 1.21 -8.65
C PRO A 2 -10.58 2.44 -7.78
N TYR A 3 -10.90 2.33 -6.51
CA TYR A 3 -10.73 3.50 -5.60
C TYR A 3 -9.52 3.28 -4.67
N CYS A 4 -9.65 3.60 -3.40
CA CYS A 4 -8.51 3.42 -2.45
C CYS A 4 -7.47 4.53 -2.71
N GLY A 5 -7.78 5.46 -3.57
CA GLY A 5 -6.82 6.56 -3.85
C GLY A 5 -6.55 6.61 -5.35
N GLN A 6 -5.34 6.91 -5.74
CA GLN A 6 -5.01 6.98 -7.19
C GLN A 6 -3.79 6.09 -7.47
N THR A 7 -2.85 6.05 -6.56
CA THR A 7 -1.64 5.21 -6.77
C THR A 7 -1.47 4.25 -5.60
N GLY A 8 -0.66 3.24 -5.77
CA GLY A 8 -0.44 2.26 -4.66
C GLY A 8 0.36 2.94 -3.54
N ALA A 9 0.91 4.09 -3.81
CA ALA A 9 1.70 4.80 -2.77
C ALA A 9 0.77 5.41 -1.72
N GLU A 10 -0.28 6.07 -2.14
CA GLU A 10 -1.21 6.69 -1.16
C GLU A 10 -2.12 5.64 -0.53
N CYS A 11 -2.42 4.59 -1.26
CA CYS A 11 -3.32 3.54 -0.70
C CYS A 11 -2.60 2.79 0.41
N TYR A 12 -1.30 2.62 0.31
CA TYR A 12 -0.53 1.90 1.37
C TYR A 12 -0.79 2.55 2.73
N SER A 13 -1.24 3.77 2.75
CA SER A 13 -1.49 4.44 4.06
C SER A 13 -2.82 3.99 4.67
N TRP A 14 -3.77 3.64 3.85
CA TRP A 14 -5.09 3.19 4.40
C TRP A 14 -5.01 1.73 4.86
N CYS A 15 -4.53 0.85 4.00
CA CYS A 15 -4.44 -0.59 4.39
C CYS A 15 -3.88 -0.76 5.80
N ILE A 16 -2.97 0.09 6.21
CA ILE A 16 -2.39 -0.05 7.58
C ILE A 16 -3.44 0.18 8.66
N LYS A 17 -4.54 0.81 8.33
CA LYS A 17 -5.58 1.06 9.37
C LYS A 17 -5.89 -0.24 10.12
N GLN A 18 -5.63 -1.36 9.51
CA GLN A 18 -5.89 -2.67 10.18
C GLN A 18 -4.71 -3.04 11.08
N ASP A 19 -3.74 -2.17 11.17
CA ASP A 19 -2.55 -2.43 12.04
C ASP A 19 -2.13 -3.91 12.01
N LEU A 20 -2.13 -4.51 10.85
CA LEU A 20 -1.69 -5.95 10.78
C LEU A 20 -0.18 -6.02 10.92
N SER A 21 0.52 -5.32 10.06
CA SER A 21 2.01 -5.32 10.10
C SER A 21 2.56 -4.69 8.82
N LYS A 22 3.62 -3.94 8.93
CA LYS A 22 4.19 -3.28 7.71
C LYS A 22 4.30 -4.29 6.56
N ASP A 23 4.35 -5.56 6.88
CA ASP A 23 4.45 -6.59 5.81
C ASP A 23 3.06 -6.95 5.30
N TRP A 24 2.04 -6.58 6.04
CA TRP A 24 0.65 -6.90 5.59
C TRP A 24 0.30 -6.11 4.33
N CYS A 25 0.55 -4.83 4.34
CA CYS A 25 0.24 -4.00 3.14
C CYS A 25 1.27 -4.22 2.04
N CYS A 26 2.49 -4.51 2.43
CA CYS A 26 3.56 -4.73 1.42
C CYS A 26 3.04 -5.62 0.28
N ASP A 27 2.43 -6.72 0.59
CA ASP A 27 1.93 -7.63 -0.47
C ASP A 27 0.52 -7.23 -0.93
N PHE A 28 -0.21 -6.49 -0.11
CA PHE A 28 -1.59 -6.10 -0.52
C PHE A 28 -1.55 -5.15 -1.73
N VAL A 29 -0.99 -3.98 -1.58
CA VAL A 29 -0.93 -3.04 -2.72
C VAL A 29 0.03 -3.57 -3.78
N LYS A 30 0.96 -4.40 -3.39
CA LYS A 30 1.92 -4.97 -4.38
C LYS A 30 1.24 -6.07 -5.19
N ASP A 31 0.24 -6.71 -4.62
CA ASP A 31 -0.47 -7.79 -5.36
C ASP A 31 -1.28 -7.21 -6.52
N ILE A 32 -1.62 -5.95 -6.45
CA ILE A 32 -2.41 -5.34 -7.56
C ILE A 32 -1.47 -4.73 -8.60
N ARG A 33 -0.29 -5.27 -8.72
CA ARG A 33 0.69 -4.76 -9.72
C ARG A 33 0.69 -3.24 -9.75
N MET A 34 0.50 -2.60 -8.62
CA MET A 34 0.50 -1.11 -8.61
C MET A 34 1.94 -0.58 -8.46
N ASN A 35 2.10 0.70 -8.31
CA ASN A 35 3.47 1.26 -8.16
C ASN A 35 3.68 1.78 -6.74
N PRO A 36 4.17 0.91 -5.90
CA PRO A 36 4.42 1.27 -4.48
C PRO A 36 5.66 2.18 -4.38
N PRO A 37 5.88 2.67 -3.19
CA PRO A 37 7.04 3.56 -2.93
C PRO A 37 8.32 2.74 -2.85
N ALA A 38 9.45 3.35 -3.08
CA ALA A 38 10.73 2.59 -3.02
C ALA A 38 11.53 3.02 -1.78
N ASP A 39 11.03 2.72 -0.63
CA ASP A 39 11.73 3.09 0.63
C ASP A 39 10.97 2.51 1.82
N LYS A 40 9.68 2.43 1.71
CA LYS A 40 8.87 1.85 2.82
C LYS A 40 8.79 0.33 2.65
N CYS A 41 8.73 -0.13 1.41
CA CYS A 41 8.65 -1.59 1.18
C CYS A 41 9.19 -1.92 -0.22
N PRO A 42 10.49 -1.89 -0.34
CA PRO A 42 11.14 -2.19 -1.64
C PRO A 42 11.07 -3.69 -1.94
N ILE A 1 -14.40 2.66 -11.96
CA ILE A 1 -13.86 3.81 -11.18
C ILE A 1 -12.64 3.36 -10.37
N PRO A 2 -11.57 4.09 -10.51
CA PRO A 2 -10.33 3.77 -9.77
C PRO A 2 -10.43 4.23 -8.31
N TYR A 3 -10.32 3.32 -7.38
CA TYR A 3 -10.40 3.71 -5.95
C TYR A 3 -9.06 4.25 -5.46
N CYS A 4 -8.07 3.41 -5.44
CA CYS A 4 -6.72 3.84 -4.96
C CYS A 4 -6.12 4.89 -5.91
N GLY A 5 -6.81 5.97 -6.12
CA GLY A 5 -6.28 7.04 -7.03
C GLY A 5 -5.61 6.40 -8.25
N GLN A 6 -4.31 6.47 -8.33
CA GLN A 6 -3.60 5.87 -9.49
C GLN A 6 -2.21 5.38 -9.07
N THR A 7 -1.94 5.33 -7.79
CA THR A 7 -0.61 4.85 -7.33
C THR A 7 -0.77 3.86 -6.18
N GLY A 8 0.21 3.04 -5.94
CA GLY A 8 0.11 2.04 -4.83
C GLY A 8 0.56 2.69 -3.51
N ALA A 9 1.28 3.78 -3.60
CA ALA A 9 1.75 4.45 -2.37
C ALA A 9 0.63 5.28 -1.72
N GLU A 10 -0.40 5.58 -2.46
CA GLU A 10 -1.52 6.39 -1.89
C GLU A 10 -2.52 5.50 -1.15
N CYS A 11 -2.71 4.28 -1.61
CA CYS A 11 -3.68 3.38 -0.93
C CYS A 11 -3.02 2.60 0.21
N TYR A 12 -1.76 2.24 0.04
CA TYR A 12 -1.09 1.47 1.12
C TYR A 12 -1.39 2.08 2.49
N SER A 13 -1.42 3.39 2.57
CA SER A 13 -1.71 4.04 3.88
C SER A 13 -3.00 3.46 4.49
N TRP A 14 -4.03 3.31 3.70
CA TRP A 14 -5.30 2.75 4.25
C TRP A 14 -5.10 1.31 4.73
N CYS A 15 -4.67 0.44 3.86
CA CYS A 15 -4.48 -0.99 4.26
C CYS A 15 -3.78 -1.06 5.62
N ILE A 16 -2.93 -0.12 5.92
CA ILE A 16 -2.22 -0.15 7.24
C ILE A 16 -3.19 0.19 8.38
N LYS A 17 -4.36 0.70 8.07
CA LYS A 17 -5.33 1.04 9.14
C LYS A 17 -5.40 -0.10 10.15
N GLN A 18 -5.74 -1.28 9.71
CA GLN A 18 -5.81 -2.44 10.66
C GLN A 18 -4.42 -2.65 11.27
N ASP A 19 -3.42 -2.09 10.66
CA ASP A 19 -2.02 -2.19 11.15
C ASP A 19 -1.69 -3.58 11.68
N LEU A 20 -1.85 -4.61 10.89
CA LEU A 20 -1.49 -5.98 11.37
C LEU A 20 0.04 -6.09 11.34
N SER A 21 0.66 -5.37 10.44
CA SER A 21 2.14 -5.39 10.32
C SER A 21 2.55 -4.63 9.06
N LYS A 22 3.45 -3.69 9.17
CA LYS A 22 3.86 -2.91 7.97
C LYS A 22 4.18 -3.86 6.81
N ASP A 23 4.53 -5.09 7.12
CA ASP A 23 4.85 -6.06 6.03
C ASP A 23 3.58 -6.83 5.64
N TRP A 24 2.52 -6.62 6.37
CA TRP A 24 1.24 -7.32 6.05
C TRP A 24 0.58 -6.69 4.83
N CYS A 25 0.51 -5.39 4.78
CA CYS A 25 -0.13 -4.73 3.60
C CYS A 25 0.91 -4.42 2.53
N CYS A 26 2.16 -4.46 2.88
CA CYS A 26 3.23 -4.17 1.87
C CYS A 26 3.01 -4.99 0.61
N ASP A 27 2.58 -6.22 0.76
CA ASP A 27 2.35 -7.08 -0.44
C ASP A 27 0.95 -6.82 -1.02
N PHE A 28 0.04 -6.35 -0.22
CA PHE A 28 -1.33 -6.09 -0.71
C PHE A 28 -1.31 -5.12 -1.91
N VAL A 29 -0.87 -3.92 -1.71
CA VAL A 29 -0.83 -2.93 -2.83
C VAL A 29 0.08 -3.42 -3.96
N LYS A 30 1.09 -4.19 -3.63
CA LYS A 30 2.01 -4.69 -4.68
C LYS A 30 1.31 -5.75 -5.54
N ASP A 31 0.34 -6.42 -5.00
CA ASP A 31 -0.37 -7.48 -5.79
C ASP A 31 -1.43 -6.85 -6.71
N ILE A 32 -1.84 -5.64 -6.43
CA ILE A 32 -2.88 -5.00 -7.28
C ILE A 32 -2.24 -4.23 -8.43
N ARG A 33 -1.14 -4.71 -8.96
CA ARG A 33 -0.47 -4.02 -10.10
C ARG A 33 -0.51 -2.50 -9.91
N MET A 34 0.24 -1.99 -8.96
CA MET A 34 0.24 -0.51 -8.74
C MET A 34 1.67 -0.01 -8.57
N ASN A 35 1.83 1.26 -8.28
CA ASN A 35 3.20 1.81 -8.09
C ASN A 35 3.46 2.10 -6.62
N PRO A 36 3.81 1.07 -5.90
CA PRO A 36 4.09 1.21 -4.45
C PRO A 36 5.41 1.94 -4.22
N PRO A 37 5.61 2.37 -3.00
CA PRO A 37 6.85 3.09 -2.64
C PRO A 37 8.02 2.12 -2.51
N ALA A 38 9.21 2.56 -2.80
CA ALA A 38 10.40 1.66 -2.68
C ALA A 38 11.27 2.08 -1.50
N ASP A 39 10.92 3.16 -0.85
CA ASP A 39 11.72 3.63 0.31
C ASP A 39 10.98 3.35 1.61
N LYS A 40 10.05 2.44 1.59
CA LYS A 40 9.28 2.13 2.83
C LYS A 40 9.33 0.62 3.12
N CYS A 41 9.01 -0.19 2.13
CA CYS A 41 9.04 -1.66 2.35
C CYS A 41 9.68 -2.35 1.14
N PRO A 42 10.96 -2.61 1.25
CA PRO A 42 11.69 -3.28 0.15
C PRO A 42 11.33 -4.76 0.08
N ILE A 1 -12.76 11.31 -6.54
CA ILE A 1 -13.56 10.09 -6.20
C ILE A 1 -12.76 9.16 -5.31
N PRO A 2 -13.46 8.27 -4.65
CA PRO A 2 -12.80 7.29 -3.74
C PRO A 2 -12.05 6.23 -4.54
N TYR A 3 -10.93 6.58 -5.12
CA TYR A 3 -10.16 5.58 -5.91
C TYR A 3 -8.81 5.30 -5.24
N CYS A 4 -8.13 4.26 -5.65
CA CYS A 4 -6.82 3.94 -5.02
C CYS A 4 -5.69 4.70 -5.72
N GLY A 5 -6.01 5.77 -6.40
CA GLY A 5 -4.95 6.54 -7.10
C GLY A 5 -4.11 5.60 -7.96
N GLN A 6 -3.09 6.11 -8.61
CA GLN A 6 -2.24 5.23 -9.45
C GLN A 6 -0.92 4.92 -8.73
N THR A 7 -0.97 4.77 -7.43
CA THR A 7 0.28 4.46 -6.67
C THR A 7 -0.07 3.65 -5.42
N GLY A 8 0.69 2.62 -5.14
CA GLY A 8 0.41 1.79 -3.93
C GLY A 8 0.51 2.66 -2.68
N ALA A 9 1.51 3.48 -2.60
CA ALA A 9 1.66 4.35 -1.40
C ALA A 9 0.32 5.02 -1.05
N GLU A 10 -0.31 5.63 -2.01
CA GLU A 10 -1.61 6.31 -1.75
C GLU A 10 -2.52 5.41 -0.90
N CYS A 11 -2.70 4.18 -1.32
CA CYS A 11 -3.58 3.26 -0.55
C CYS A 11 -2.84 2.66 0.64
N TYR A 12 -1.54 2.59 0.57
CA TYR A 12 -0.77 2.00 1.70
C TYR A 12 -1.20 2.61 3.03
N SER A 13 -1.79 3.77 3.00
CA SER A 13 -2.23 4.41 4.27
C SER A 13 -3.54 3.80 4.77
N TRP A 14 -4.36 3.31 3.89
CA TRP A 14 -5.65 2.70 4.33
C TRP A 14 -5.46 1.24 4.72
N CYS A 15 -4.73 0.49 3.93
CA CYS A 15 -4.51 -0.95 4.26
C CYS A 15 -3.96 -1.12 5.67
N ILE A 16 -3.27 -0.16 6.19
CA ILE A 16 -2.71 -0.30 7.57
C ILE A 16 -3.82 -0.23 8.61
N LYS A 17 -4.88 0.48 8.34
CA LYS A 17 -5.99 0.55 9.33
C LYS A 17 -6.29 -0.86 9.82
N GLN A 18 -6.23 -1.82 8.95
CA GLN A 18 -6.48 -3.22 9.35
C GLN A 18 -5.75 -3.51 10.66
N ASP A 19 -4.57 -2.96 10.79
CA ASP A 19 -3.73 -3.16 12.01
C ASP A 19 -2.91 -4.44 11.93
N LEU A 20 -2.23 -4.67 10.84
CA LEU A 20 -1.39 -5.89 10.72
C LEU A 20 0.09 -5.51 10.88
N SER A 21 0.58 -4.67 10.02
CA SER A 21 2.01 -4.23 10.10
C SER A 21 2.44 -3.56 8.80
N LYS A 22 3.51 -2.81 8.83
CA LYS A 22 3.97 -2.13 7.58
C LYS A 22 4.43 -3.16 6.55
N ASP A 23 4.75 -4.34 7.01
CA ASP A 23 5.19 -5.41 6.07
C ASP A 23 3.94 -6.07 5.48
N TRP A 24 2.82 -5.88 6.11
CA TRP A 24 1.55 -6.47 5.59
C TRP A 24 1.17 -5.78 4.28
N CYS A 25 1.04 -4.48 4.31
CA CYS A 25 0.66 -3.75 3.07
C CYS A 25 1.75 -3.88 2.01
N CYS A 26 2.96 -4.17 2.42
CA CYS A 26 4.07 -4.31 1.43
C CYS A 26 3.59 -5.09 0.21
N ASP A 27 3.02 -6.25 0.41
CA ASP A 27 2.54 -7.06 -0.73
C ASP A 27 1.12 -6.64 -1.12
N PHE A 28 0.42 -5.99 -0.22
CA PHE A 28 -0.98 -5.56 -0.53
C PHE A 28 -1.00 -4.58 -1.71
N VAL A 29 -0.27 -3.49 -1.61
CA VAL A 29 -0.26 -2.51 -2.72
C VAL A 29 0.28 -3.16 -4.00
N LYS A 30 1.18 -4.09 -3.86
CA LYS A 30 1.74 -4.77 -5.07
C LYS A 30 0.78 -5.87 -5.54
N ASP A 31 -0.04 -6.36 -4.65
CA ASP A 31 -1.00 -7.44 -5.03
C ASP A 31 -2.04 -6.90 -6.01
N ILE A 32 -2.23 -5.60 -6.03
CA ILE A 32 -3.22 -5.01 -6.96
C ILE A 32 -2.51 -4.39 -8.17
N ARG A 33 -1.42 -4.97 -8.59
CA ARG A 33 -0.67 -4.41 -9.76
C ARG A 33 -0.60 -2.89 -9.65
N MET A 34 -0.09 -2.38 -8.56
CA MET A 34 0.01 -0.91 -8.39
C MET A 34 1.48 -0.48 -8.37
N ASN A 35 1.76 0.74 -8.02
CA ASN A 35 3.17 1.21 -7.98
C ASN A 35 3.52 1.73 -6.58
N PRO A 36 4.05 0.85 -5.78
CA PRO A 36 4.43 1.22 -4.40
C PRO A 36 5.68 2.09 -4.39
N PRO A 37 5.87 2.77 -3.29
CA PRO A 37 7.05 3.66 -3.13
C PRO A 37 8.31 2.81 -2.91
N ALA A 38 9.43 3.25 -3.39
CA ALA A 38 10.69 2.46 -3.21
C ALA A 38 11.38 2.89 -1.91
N ASP A 39 10.68 2.83 -0.81
CA ASP A 39 11.31 3.23 0.49
C ASP A 39 10.73 2.42 1.65
N LYS A 40 9.91 1.44 1.38
CA LYS A 40 9.34 0.64 2.50
C LYS A 40 9.36 -0.87 2.18
N CYS A 41 9.67 -1.23 0.97
CA CYS A 41 9.72 -2.69 0.61
C CYS A 41 10.85 -2.95 -0.38
N PRO A 42 11.81 -3.72 0.05
CA PRO A 42 12.96 -4.06 -0.83
C PRO A 42 12.54 -5.04 -1.92
N ILE A 1 -16.15 9.35 -4.38
CA ILE A 1 -14.80 8.84 -4.78
C ILE A 1 -14.57 7.44 -4.21
N PRO A 2 -15.34 6.52 -4.72
CA PRO A 2 -15.22 5.11 -4.27
C PRO A 2 -14.00 4.44 -4.89
N TYR A 3 -12.86 5.07 -4.82
CA TYR A 3 -11.63 4.46 -5.41
C TYR A 3 -10.51 4.43 -4.38
N CYS A 4 -9.42 3.78 -4.69
CA CYS A 4 -8.29 3.71 -3.74
C CYS A 4 -7.37 4.93 -3.91
N GLY A 5 -6.81 5.10 -5.07
CA GLY A 5 -5.90 6.27 -5.30
C GLY A 5 -5.26 6.14 -6.69
N GLN A 6 -4.41 7.06 -7.04
CA GLN A 6 -3.75 7.00 -8.38
C GLN A 6 -2.40 6.28 -8.28
N THR A 7 -1.88 6.13 -7.09
CA THR A 7 -0.57 5.44 -6.93
C THR A 7 -0.61 4.49 -5.73
N GLY A 8 -0.03 3.33 -5.87
CA GLY A 8 -0.04 2.36 -4.74
C GLY A 8 0.27 3.08 -3.43
N ALA A 9 1.23 3.97 -3.45
CA ALA A 9 1.59 4.72 -2.21
C ALA A 9 0.32 5.23 -1.52
N GLU A 10 -0.53 5.91 -2.24
CA GLU A 10 -1.79 6.44 -1.63
C GLU A 10 -2.50 5.34 -0.83
N CYS A 11 -2.68 4.19 -1.42
CA CYS A 11 -3.38 3.09 -0.71
C CYS A 11 -2.51 2.50 0.39
N TYR A 12 -1.24 2.32 0.14
CA TYR A 12 -0.36 1.72 1.17
C TYR A 12 -0.53 2.45 2.52
N SER A 13 -1.02 3.67 2.50
CA SER A 13 -1.21 4.40 3.78
C SER A 13 -2.55 4.03 4.42
N TRP A 14 -3.53 3.70 3.63
CA TRP A 14 -4.87 3.33 4.20
C TRP A 14 -4.90 1.85 4.58
N CYS A 15 -4.15 1.03 3.89
CA CYS A 15 -4.16 -0.43 4.20
C CYS A 15 -3.55 -0.70 5.57
N ILE A 16 -2.56 0.05 5.97
CA ILE A 16 -1.92 -0.19 7.30
C ILE A 16 -2.88 0.19 8.43
N LYS A 17 -3.91 0.92 8.13
CA LYS A 17 -4.87 1.32 9.19
C LYS A 17 -5.52 0.07 9.80
N GLN A 18 -5.49 -1.03 9.10
CA GLN A 18 -6.09 -2.28 9.64
C GLN A 18 -5.27 -2.80 10.82
N ASP A 19 -4.07 -2.31 10.97
CA ASP A 19 -3.20 -2.75 12.11
C ASP A 19 -2.63 -4.16 11.90
N LEU A 20 -1.94 -4.38 10.82
CA LEU A 20 -1.34 -5.74 10.60
C LEU A 20 0.19 -5.64 10.64
N SER A 21 0.77 -4.91 9.73
CA SER A 21 2.26 -4.77 9.72
C SER A 21 2.72 -4.07 8.43
N LYS A 22 3.99 -3.80 8.31
CA LYS A 22 4.48 -3.12 7.08
C LYS A 22 4.39 -4.07 5.89
N ASP A 23 4.92 -5.25 6.02
CA ASP A 23 4.85 -6.23 4.90
C ASP A 23 3.39 -6.57 4.62
N TRP A 24 2.54 -6.43 5.60
CA TRP A 24 1.10 -6.73 5.38
C TRP A 24 0.63 -6.01 4.11
N CYS A 25 0.98 -4.76 3.98
CA CYS A 25 0.52 -4.00 2.77
C CYS A 25 1.45 -4.25 1.58
N CYS A 26 2.74 -4.24 1.79
CA CYS A 26 3.66 -4.47 0.64
C CYS A 26 3.15 -5.64 -0.20
N ASP A 27 2.54 -6.61 0.42
CA ASP A 27 1.99 -7.77 -0.35
C ASP A 27 0.57 -7.45 -0.84
N PHE A 28 -0.09 -6.52 -0.20
CA PHE A 28 -1.48 -6.17 -0.62
C PHE A 28 -1.46 -5.30 -1.88
N VAL A 29 -0.93 -4.10 -1.78
CA VAL A 29 -0.88 -3.22 -2.98
C VAL A 29 -0.08 -3.92 -4.10
N LYS A 30 0.96 -4.63 -3.73
CA LYS A 30 1.76 -5.34 -4.77
C LYS A 30 0.89 -6.39 -5.46
N ASP A 31 -0.01 -6.99 -4.75
CA ASP A 31 -0.89 -8.03 -5.37
C ASP A 31 -1.59 -7.44 -6.59
N ILE A 32 -2.19 -6.29 -6.45
CA ILE A 32 -2.90 -5.66 -7.60
C ILE A 32 -1.91 -4.85 -8.45
N ARG A 33 -0.74 -5.39 -8.68
CA ARG A 33 0.30 -4.69 -9.51
C ARG A 33 0.18 -3.17 -9.39
N MET A 34 0.22 -2.64 -8.19
CA MET A 34 0.13 -1.16 -8.02
C MET A 34 1.51 -0.56 -7.76
N ASN A 35 1.57 0.69 -7.37
CA ASN A 35 2.89 1.33 -7.12
C ASN A 35 3.01 1.76 -5.65
N PRO A 36 3.58 0.88 -4.85
CA PRO A 36 3.77 1.16 -3.41
C PRO A 36 5.03 2.02 -3.20
N PRO A 37 5.23 2.43 -1.97
CA PRO A 37 6.41 3.26 -1.64
C PRO A 37 7.68 2.40 -1.62
N ALA A 38 8.71 2.82 -2.29
CA ALA A 38 9.97 2.01 -2.33
C ALA A 38 10.85 2.34 -1.12
N ASP A 39 10.55 3.41 -0.43
CA ASP A 39 11.39 3.78 0.76
C ASP A 39 10.89 3.04 2.00
N LYS A 40 9.63 2.68 2.02
CA LYS A 40 9.09 1.96 3.21
C LYS A 40 9.34 0.45 3.09
N CYS A 41 8.77 -0.17 2.09
CA CYS A 41 8.97 -1.63 1.91
C CYS A 41 9.41 -1.94 0.48
N PRO A 42 10.26 -2.92 0.36
CA PRO A 42 10.77 -3.33 -0.97
C PRO A 42 9.69 -4.06 -1.77
N ILE A 1 -11.22 11.80 -12.29
CA ILE A 1 -11.54 11.37 -10.89
C ILE A 1 -10.28 10.85 -10.19
N PRO A 2 -9.82 11.58 -9.22
CA PRO A 2 -8.62 11.19 -8.46
C PRO A 2 -8.96 10.13 -7.41
N TYR A 3 -9.63 9.08 -7.81
CA TYR A 3 -10.01 8.02 -6.82
C TYR A 3 -8.80 7.60 -5.95
N CYS A 4 -8.22 6.46 -6.20
CA CYS A 4 -7.06 6.03 -5.37
C CYS A 4 -5.75 6.55 -5.98
N GLY A 5 -5.58 7.84 -6.00
CA GLY A 5 -4.31 8.41 -6.57
C GLY A 5 -3.95 7.69 -7.87
N GLN A 6 -2.69 7.67 -8.21
CA GLN A 6 -2.27 6.99 -9.47
C GLN A 6 -1.25 5.89 -9.17
N THR A 7 -1.24 5.39 -7.96
CA THR A 7 -0.26 4.32 -7.61
C THR A 7 -0.71 3.56 -6.36
N GLY A 8 0.14 2.73 -5.82
CA GLY A 8 -0.24 1.95 -4.60
C GLY A 8 0.03 2.77 -3.34
N ALA A 9 1.16 3.42 -3.25
CA ALA A 9 1.48 4.21 -2.02
C ALA A 9 0.26 5.04 -1.57
N GLU A 10 -0.29 5.81 -2.44
CA GLU A 10 -1.46 6.66 -2.07
C GLU A 10 -2.48 5.85 -1.25
N CYS A 11 -2.83 4.68 -1.68
CA CYS A 11 -3.82 3.86 -0.93
C CYS A 11 -3.10 2.98 0.11
N TYR A 12 -1.96 2.47 -0.26
CA TYR A 12 -1.16 1.61 0.67
C TYR A 12 -0.98 2.31 2.02
N SER A 13 -0.56 3.55 2.01
CA SER A 13 -0.36 4.27 3.30
C SER A 13 -1.52 4.01 4.26
N TRP A 14 -2.73 3.97 3.76
CA TRP A 14 -3.90 3.71 4.65
C TRP A 14 -4.03 2.21 4.92
N CYS A 15 -3.68 1.41 3.97
CA CYS A 15 -3.78 -0.08 4.16
C CYS A 15 -2.96 -0.52 5.38
N ILE A 16 -1.96 0.23 5.74
CA ILE A 16 -1.12 -0.17 6.91
C ILE A 16 -1.76 0.27 8.23
N LYS A 17 -2.56 1.30 8.23
CA LYS A 17 -3.19 1.74 9.51
C LYS A 17 -3.93 0.59 10.18
N GLN A 18 -4.35 -0.38 9.42
CA GLN A 18 -5.05 -1.55 10.02
C GLN A 18 -4.36 -1.97 11.31
N ASP A 19 -3.05 -1.98 11.27
CA ASP A 19 -2.19 -2.37 12.45
C ASP A 19 -1.72 -3.82 12.33
N LEU A 20 -1.34 -4.25 11.15
CA LEU A 20 -0.84 -5.64 10.99
C LEU A 20 0.69 -5.65 10.90
N SER A 21 1.21 -5.18 9.79
CA SER A 21 2.69 -5.15 9.61
C SER A 21 3.03 -4.55 8.24
N LYS A 22 4.29 -4.43 7.92
CA LYS A 22 4.68 -3.86 6.60
C LYS A 22 4.38 -4.87 5.50
N ASP A 23 4.43 -6.14 5.81
CA ASP A 23 4.15 -7.17 4.79
C ASP A 23 2.64 -7.37 4.66
N TRP A 24 1.90 -6.90 5.63
CA TRP A 24 0.41 -7.03 5.57
C TRP A 24 -0.12 -6.37 4.30
N CYS A 25 0.34 -5.19 4.00
CA CYS A 25 -0.17 -4.50 2.77
C CYS A 25 0.90 -4.46 1.68
N CYS A 26 2.16 -4.53 2.04
CA CYS A 26 3.22 -4.50 0.98
C CYS A 26 2.78 -5.42 -0.16
N ASP A 27 2.13 -6.50 0.16
CA ASP A 27 1.66 -7.43 -0.89
C ASP A 27 0.28 -6.98 -1.39
N PHE A 28 -0.56 -6.52 -0.50
CA PHE A 28 -1.92 -6.06 -0.93
C PHE A 28 -1.81 -5.19 -2.18
N VAL A 29 -1.15 -4.07 -2.09
CA VAL A 29 -1.01 -3.19 -3.28
C VAL A 29 -0.34 -3.95 -4.43
N LYS A 30 0.46 -4.92 -4.12
CA LYS A 30 1.13 -5.71 -5.19
C LYS A 30 0.10 -6.61 -5.90
N ASP A 31 -0.82 -7.17 -5.17
CA ASP A 31 -1.84 -8.04 -5.79
C ASP A 31 -2.41 -7.36 -7.04
N ILE A 32 -2.77 -6.11 -6.92
CA ILE A 32 -3.32 -5.38 -8.09
C ILE A 32 -2.19 -4.90 -9.00
N ARG A 33 -0.97 -5.28 -8.70
CA ARG A 33 0.17 -4.85 -9.55
C ARG A 33 0.31 -3.32 -9.50
N MET A 34 0.93 -2.81 -8.46
CA MET A 34 1.09 -1.33 -8.35
C MET A 34 2.49 -1.00 -7.83
N ASN A 35 2.78 0.26 -7.59
CA ASN A 35 4.12 0.63 -7.08
C ASN A 35 4.02 1.19 -5.65
N PRO A 36 4.57 0.46 -4.73
CA PRO A 36 4.54 0.89 -3.31
C PRO A 36 5.60 1.96 -3.06
N PRO A 37 5.45 2.65 -1.96
CA PRO A 37 6.41 3.72 -1.60
C PRO A 37 7.70 3.09 -1.04
N ALA A 38 8.78 3.83 -1.05
CA ALA A 38 10.04 3.26 -0.51
C ALA A 38 10.06 3.37 1.01
N ASP A 39 9.44 4.38 1.55
CA ASP A 39 9.41 4.54 3.04
C ASP A 39 8.73 3.33 3.68
N LYS A 40 7.94 2.61 2.93
CA LYS A 40 7.25 1.43 3.50
C LYS A 40 7.77 0.13 2.85
N CYS A 41 7.65 0.04 1.55
CA CYS A 41 8.15 -1.18 0.85
C CYS A 41 9.27 -0.82 -0.13
N PRO A 42 10.30 -1.62 -0.13
CA PRO A 42 11.45 -1.38 -1.02
C PRO A 42 11.09 -1.73 -2.47
N ILE A 1 -10.13 10.73 2.03
CA ILE A 1 -9.75 10.54 0.60
C ILE A 1 -9.25 9.11 0.36
N PRO A 2 -10.17 8.18 0.47
CA PRO A 2 -9.83 6.75 0.24
C PRO A 2 -9.75 6.44 -1.25
N TYR A 3 -9.12 7.29 -2.02
CA TYR A 3 -9.02 7.04 -3.49
C TYR A 3 -7.54 6.94 -3.89
N CYS A 4 -7.17 5.85 -4.50
CA CYS A 4 -5.75 5.67 -4.91
C CYS A 4 -5.58 6.07 -6.38
N GLY A 5 -4.79 5.34 -7.11
CA GLY A 5 -4.61 5.69 -8.55
C GLY A 5 -3.13 5.92 -8.87
N GLN A 6 -2.49 6.84 -8.18
CA GLN A 6 -1.07 7.13 -8.47
C GLN A 6 -0.22 5.86 -8.42
N THR A 7 0.09 5.39 -7.25
CA THR A 7 0.93 4.16 -7.13
C THR A 7 0.50 3.34 -5.91
N GLY A 8 1.43 2.65 -5.29
CA GLY A 8 1.06 1.84 -4.10
C GLY A 8 0.84 2.79 -2.91
N ALA A 9 1.68 3.78 -2.76
CA ALA A 9 1.51 4.73 -1.64
C ALA A 9 0.06 5.21 -1.59
N GLU A 10 -0.60 5.21 -2.71
CA GLU A 10 -2.02 5.66 -2.74
C GLU A 10 -2.87 4.76 -1.85
N CYS A 11 -2.85 3.47 -2.10
CA CYS A 11 -3.66 2.53 -1.27
C CYS A 11 -2.83 1.97 -0.12
N TYR A 12 -1.53 2.15 -0.16
CA TYR A 12 -0.66 1.62 0.93
C TYR A 12 -1.12 2.18 2.28
N SER A 13 -1.13 3.48 2.43
CA SER A 13 -1.56 4.08 3.73
C SER A 13 -2.89 3.49 4.18
N TRP A 14 -3.65 2.92 3.27
CA TRP A 14 -4.97 2.34 3.65
C TRP A 14 -4.79 0.98 4.32
N CYS A 15 -3.81 0.22 3.93
CA CYS A 15 -3.62 -1.12 4.58
C CYS A 15 -2.84 -0.96 5.90
N ILE A 16 -1.75 -0.24 5.88
CA ILE A 16 -0.99 -0.06 7.15
C ILE A 16 -1.93 0.40 8.27
N LYS A 17 -3.05 0.96 7.90
CA LYS A 17 -4.03 1.43 8.93
C LYS A 17 -4.60 0.24 9.69
N GLN A 18 -4.69 -0.90 9.05
CA GLN A 18 -5.24 -2.10 9.74
C GLN A 18 -4.30 -2.55 10.85
N ASP A 19 -3.05 -2.20 10.77
CA ASP A 19 -2.08 -2.60 11.83
C ASP A 19 -1.84 -4.12 11.81
N LEU A 20 -1.68 -4.70 10.65
CA LEU A 20 -1.44 -6.17 10.58
C LEU A 20 0.07 -6.44 10.51
N SER A 21 0.76 -5.71 9.68
CA SER A 21 2.23 -5.93 9.55
C SER A 21 2.77 -5.03 8.43
N LYS A 22 3.84 -4.33 8.67
CA LYS A 22 4.41 -3.44 7.62
C LYS A 22 4.51 -4.21 6.29
N ASP A 23 4.63 -5.50 6.36
CA ASP A 23 4.73 -6.30 5.10
C ASP A 23 3.33 -6.68 4.61
N TRP A 24 2.35 -6.54 5.46
CA TRP A 24 0.97 -6.88 5.06
C TRP A 24 0.46 -5.89 4.01
N CYS A 25 0.56 -4.61 4.30
CA CYS A 25 0.08 -3.60 3.30
C CYS A 25 0.96 -3.62 2.05
N CYS A 26 2.24 -3.49 2.22
CA CYS A 26 3.15 -3.50 1.04
C CYS A 26 2.78 -4.62 0.07
N ASP A 27 2.28 -5.71 0.58
CA ASP A 27 1.88 -6.84 -0.32
C ASP A 27 0.46 -6.61 -0.85
N PHE A 28 -0.46 -6.27 0.00
CA PHE A 28 -1.86 -6.03 -0.45
C PHE A 28 -1.86 -5.07 -1.65
N VAL A 29 -1.30 -3.90 -1.49
CA VAL A 29 -1.29 -2.91 -2.61
C VAL A 29 -0.48 -3.46 -3.79
N LYS A 30 0.43 -4.36 -3.54
CA LYS A 30 1.24 -4.93 -4.65
C LYS A 30 0.37 -5.86 -5.52
N ASP A 31 -0.65 -6.44 -4.95
CA ASP A 31 -1.52 -7.36 -5.73
C ASP A 31 -2.54 -6.58 -6.56
N ILE A 32 -2.80 -5.34 -6.23
CA ILE A 32 -3.81 -4.56 -7.01
C ILE A 32 -3.15 -3.83 -8.17
N ARG A 33 -2.15 -4.43 -8.79
CA ARG A 33 -1.48 -3.76 -9.95
C ARG A 33 -0.99 -2.37 -9.56
N MET A 34 -0.29 -2.25 -8.46
CA MET A 34 0.22 -0.92 -8.04
C MET A 34 1.67 -1.02 -7.58
N ASN A 35 2.54 -0.23 -8.15
CA ASN A 35 3.98 -0.29 -7.74
C ASN A 35 4.16 0.41 -6.40
N PRO A 36 4.46 -0.37 -5.39
CA PRO A 36 4.66 0.18 -4.03
C PRO A 36 6.00 0.92 -3.93
N PRO A 37 6.01 1.95 -3.14
CA PRO A 37 7.23 2.75 -2.94
C PRO A 37 8.22 1.99 -2.04
N ALA A 38 9.46 2.41 -2.02
CA ALA A 38 10.47 1.71 -1.18
C ALA A 38 10.54 2.35 0.22
N ASP A 39 11.05 3.55 0.30
CA ASP A 39 11.16 4.23 1.64
C ASP A 39 9.89 3.97 2.48
N LYS A 40 8.74 4.09 1.89
CA LYS A 40 7.49 3.86 2.67
C LYS A 40 7.37 2.39 3.07
N CYS A 41 7.68 1.49 2.17
CA CYS A 41 7.59 0.04 2.51
C CYS A 41 8.99 -0.55 2.70
N PRO A 42 9.42 -0.52 3.94
CA PRO A 42 10.77 -1.05 4.27
C PRO A 42 10.78 -2.58 4.18
N ILE A 1 -14.00 -2.19 -9.30
CA ILE A 1 -12.68 -2.19 -8.60
C ILE A 1 -11.84 -0.99 -9.05
N PRO A 2 -11.63 -0.08 -8.14
CA PRO A 2 -10.83 1.13 -8.44
C PRO A 2 -9.32 0.79 -8.45
N TYR A 3 -8.50 1.78 -8.59
CA TYR A 3 -7.02 1.51 -8.60
C TYR A 3 -6.32 2.27 -7.47
N CYS A 4 -6.94 2.31 -6.31
CA CYS A 4 -6.30 3.02 -5.17
C CYS A 4 -5.78 4.39 -5.61
N GLY A 5 -6.58 5.41 -5.49
CA GLY A 5 -6.12 6.77 -5.90
C GLY A 5 -5.37 6.69 -7.23
N GLN A 6 -4.08 6.87 -7.20
CA GLN A 6 -3.30 6.80 -8.47
C GLN A 6 -2.02 5.96 -8.29
N THR A 7 -1.68 5.61 -7.08
CA THR A 7 -0.45 4.80 -6.88
C THR A 7 -0.58 3.94 -5.61
N GLY A 8 -0.07 2.74 -5.64
CA GLY A 8 -0.15 1.87 -4.42
C GLY A 8 0.48 2.58 -3.23
N ALA A 9 1.39 3.49 -3.48
CA ALA A 9 2.04 4.21 -2.36
C ALA A 9 1.02 5.08 -1.62
N GLU A 10 0.28 5.89 -2.33
CA GLU A 10 -0.72 6.76 -1.66
C GLU A 10 -1.75 5.89 -0.92
N CYS A 11 -1.96 4.68 -1.37
CA CYS A 11 -2.94 3.79 -0.70
C CYS A 11 -2.27 3.06 0.46
N TYR A 12 -0.99 2.79 0.36
CA TYR A 12 -0.27 2.08 1.45
C TYR A 12 -0.74 2.57 2.82
N SER A 13 -1.19 3.79 2.89
CA SER A 13 -1.65 4.32 4.20
C SER A 13 -2.96 3.66 4.63
N TRP A 14 -3.94 3.62 3.75
CA TRP A 14 -5.24 2.99 4.13
C TRP A 14 -5.05 1.51 4.46
N CYS A 15 -4.59 0.73 3.53
CA CYS A 15 -4.40 -0.72 3.81
C CYS A 15 -3.72 -0.94 5.17
N ILE A 16 -2.85 -0.05 5.56
CA ILE A 16 -2.17 -0.21 6.88
C ILE A 16 -3.12 0.08 8.04
N LYS A 17 -4.18 0.79 7.80
CA LYS A 17 -5.14 1.10 8.91
C LYS A 17 -5.53 -0.20 9.64
N GLN A 18 -5.47 -1.32 8.97
CA GLN A 18 -5.82 -2.61 9.63
C GLN A 18 -4.86 -2.86 10.80
N ASP A 19 -3.66 -2.35 10.73
CA ASP A 19 -2.68 -2.55 11.83
C ASP A 19 -2.15 -3.98 11.86
N LEU A 20 -2.03 -4.62 10.71
CA LEU A 20 -1.51 -6.01 10.70
C LEU A 20 0.02 -5.99 10.79
N SER A 21 0.66 -5.19 9.97
CA SER A 21 2.15 -5.11 10.01
C SER A 21 2.65 -4.32 8.78
N LYS A 22 3.94 -4.12 8.67
CA LYS A 22 4.48 -3.35 7.50
C LYS A 22 4.46 -4.25 6.26
N ASP A 23 4.68 -5.52 6.43
CA ASP A 23 4.67 -6.43 5.26
C ASP A 23 3.22 -6.75 4.89
N TRP A 24 2.33 -6.52 5.81
CA TRP A 24 0.89 -6.78 5.54
C TRP A 24 0.47 -6.03 4.26
N CYS A 25 0.80 -4.78 4.14
CA CYS A 25 0.41 -4.03 2.92
C CYS A 25 1.54 -4.08 1.89
N CYS A 26 2.75 -4.24 2.32
CA CYS A 26 3.88 -4.30 1.36
C CYS A 26 3.49 -5.18 0.16
N ASP A 27 2.85 -6.28 0.42
CA ASP A 27 2.42 -7.18 -0.68
C ASP A 27 1.05 -6.74 -1.22
N PHE A 28 0.29 -6.04 -0.43
CA PHE A 28 -1.06 -5.61 -0.90
C PHE A 28 -0.96 -4.76 -2.17
N VAL A 29 -0.33 -3.61 -2.10
CA VAL A 29 -0.21 -2.76 -3.32
C VAL A 29 0.37 -3.58 -4.47
N LYS A 30 1.16 -4.57 -4.17
CA LYS A 30 1.74 -5.41 -5.26
C LYS A 30 0.68 -6.39 -5.79
N ASP A 31 -0.25 -6.78 -4.96
CA ASP A 31 -1.31 -7.72 -5.41
C ASP A 31 -2.42 -6.97 -6.14
N ILE A 32 -2.64 -5.73 -5.81
CA ILE A 32 -3.71 -4.94 -6.50
C ILE A 32 -3.15 -4.27 -7.76
N ARG A 33 -2.15 -4.86 -8.36
CA ARG A 33 -1.58 -4.27 -9.60
C ARG A 33 -1.10 -2.84 -9.36
N MET A 34 -0.50 -2.57 -8.23
CA MET A 34 0.00 -1.19 -7.96
C MET A 34 1.50 -1.22 -7.73
N ASN A 35 2.11 -0.07 -7.59
CA ASN A 35 3.59 -0.04 -7.37
C ASN A 35 3.89 0.37 -5.92
N PRO A 36 4.70 -0.42 -5.27
CA PRO A 36 5.07 -0.13 -3.87
C PRO A 36 6.03 1.05 -3.80
N PRO A 37 5.88 1.85 -2.78
CA PRO A 37 6.75 3.02 -2.60
C PRO A 37 8.13 2.59 -2.09
N ALA A 38 9.16 3.30 -2.47
CA ALA A 38 10.53 2.94 -2.01
C ALA A 38 10.81 3.55 -0.63
N ASP A 39 9.79 4.01 0.03
CA ASP A 39 9.99 4.62 1.38
C ASP A 39 9.51 3.68 2.47
N LYS A 40 8.58 2.82 2.16
CA LYS A 40 8.06 1.88 3.19
C LYS A 40 8.55 0.46 2.90
N CYS A 41 8.77 0.13 1.65
CA CYS A 41 9.24 -1.23 1.31
C CYS A 41 10.40 -1.16 0.31
N PRO A 42 11.50 -1.74 0.68
CA PRO A 42 12.71 -1.73 -0.19
C PRO A 42 12.54 -2.74 -1.33
N ILE A 1 -4.32 11.41 7.45
CA ILE A 1 -5.24 11.69 6.30
C ILE A 1 -5.44 10.40 5.48
N PRO A 2 -6.36 9.61 5.94
CA PRO A 2 -6.67 8.33 5.28
C PRO A 2 -7.45 8.55 3.97
N TYR A 3 -6.75 8.66 2.87
CA TYR A 3 -7.44 8.88 1.57
C TYR A 3 -6.74 8.06 0.48
N CYS A 4 -7.46 7.19 -0.18
CA CYS A 4 -6.84 6.34 -1.23
C CYS A 4 -6.99 6.99 -2.62
N GLY A 5 -6.05 7.82 -2.98
CA GLY A 5 -6.13 8.48 -4.32
C GLY A 5 -6.58 7.46 -5.37
N GLN A 6 -5.65 6.69 -5.88
CA GLN A 6 -6.02 5.67 -6.91
C GLN A 6 -4.79 4.85 -7.31
N THR A 7 -3.86 4.69 -6.41
CA THR A 7 -2.63 3.91 -6.74
C THR A 7 -2.19 3.11 -5.51
N GLY A 8 -1.05 2.47 -5.58
CA GLY A 8 -0.58 1.67 -4.42
C GLY A 8 0.18 2.58 -3.44
N ALA A 9 0.87 3.56 -3.95
CA ALA A 9 1.64 4.47 -3.04
C ALA A 9 0.68 5.34 -2.21
N GLU A 10 -0.33 5.90 -2.82
CA GLU A 10 -1.28 6.76 -2.06
C GLU A 10 -2.14 5.91 -1.11
N CYS A 11 -2.58 4.77 -1.56
CA CYS A 11 -3.43 3.91 -0.69
C CYS A 11 -2.59 3.16 0.36
N TYR A 12 -1.32 2.96 0.11
CA TYR A 12 -0.49 2.23 1.11
C TYR A 12 -0.63 2.85 2.50
N SER A 13 -1.01 4.08 2.58
CA SER A 13 -1.14 4.74 3.91
C SER A 13 -2.38 4.25 4.65
N TRP A 14 -3.38 3.79 3.95
CA TRP A 14 -4.61 3.31 4.63
C TRP A 14 -4.43 1.85 5.08
N CYS A 15 -4.11 0.98 4.18
CA CYS A 15 -3.93 -0.46 4.54
C CYS A 15 -3.07 -0.62 5.80
N ILE A 16 -2.28 0.36 6.13
CA ILE A 16 -1.42 0.24 7.35
C ILE A 16 -2.18 0.63 8.61
N LYS A 17 -3.27 1.35 8.48
CA LYS A 17 -4.04 1.75 9.68
C LYS A 17 -4.68 0.52 10.34
N GLN A 18 -4.82 -0.55 9.60
CA GLN A 18 -5.42 -1.78 10.18
C GLN A 18 -4.51 -2.36 11.26
N ASP A 19 -3.26 -1.96 11.27
CA ASP A 19 -2.31 -2.46 12.30
C ASP A 19 -2.03 -3.95 12.10
N LEU A 20 -1.93 -4.40 10.88
CA LEU A 20 -1.64 -5.84 10.63
C LEU A 20 -0.12 -6.05 10.54
N SER A 21 0.51 -5.42 9.59
CA SER A 21 1.99 -5.55 9.44
C SER A 21 2.47 -4.73 8.25
N LYS A 22 3.54 -3.99 8.41
CA LYS A 22 4.04 -3.17 7.28
C LYS A 22 4.16 -4.03 6.03
N ASP A 23 4.39 -5.30 6.19
CA ASP A 23 4.50 -6.19 5.00
C ASP A 23 3.09 -6.54 4.52
N TRP A 24 2.09 -6.28 5.32
CA TRP A 24 0.69 -6.58 4.92
C TRP A 24 0.32 -5.78 3.67
N CYS A 25 0.78 -4.56 3.58
CA CYS A 25 0.47 -3.73 2.39
C CYS A 25 1.59 -3.83 1.35
N CYS A 26 2.80 -4.02 1.79
CA CYS A 26 3.92 -4.13 0.82
C CYS A 26 3.51 -5.05 -0.34
N ASP A 27 3.00 -6.21 -0.04
CA ASP A 27 2.58 -7.15 -1.12
C ASP A 27 1.15 -6.82 -1.58
N PHE A 28 0.37 -6.20 -0.74
CA PHE A 28 -1.04 -5.87 -1.14
C PHE A 28 -1.05 -5.05 -2.43
N VAL A 29 -0.49 -3.87 -2.40
CA VAL A 29 -0.46 -3.02 -3.62
C VAL A 29 0.30 -3.73 -4.74
N LYS A 30 1.43 -4.30 -4.43
CA LYS A 30 2.21 -5.01 -5.48
C LYS A 30 1.37 -6.14 -6.09
N ASP A 31 0.36 -6.58 -5.38
CA ASP A 31 -0.49 -7.68 -5.92
C ASP A 31 -1.52 -7.12 -6.91
N ILE A 32 -2.18 -6.05 -6.55
CA ILE A 32 -3.19 -5.46 -7.49
C ILE A 32 -2.50 -4.63 -8.57
N ARG A 33 -1.53 -5.21 -9.23
CA ARG A 33 -0.81 -4.48 -10.31
C ARG A 33 -0.62 -3.00 -9.97
N MET A 34 -0.09 -2.71 -8.82
CA MET A 34 0.14 -1.28 -8.45
C MET A 34 1.62 -1.06 -8.13
N ASN A 35 2.00 0.15 -7.80
CA ASN A 35 3.43 0.41 -7.49
C ASN A 35 3.65 0.57 -5.97
N PRO A 36 4.39 -0.36 -5.42
CA PRO A 36 4.67 -0.32 -3.96
C PRO A 36 5.76 0.70 -3.65
N PRO A 37 5.53 1.48 -2.63
CA PRO A 37 6.51 2.51 -2.23
C PRO A 37 7.66 1.87 -1.44
N ALA A 38 8.84 2.41 -1.56
CA ALA A 38 10.00 1.84 -0.81
C ALA A 38 10.28 2.67 0.44
N ASP A 39 9.41 3.59 0.77
CA ASP A 39 9.63 4.44 1.97
C ASP A 39 9.28 3.66 3.24
N LYS A 40 8.72 2.49 3.09
CA LYS A 40 8.35 1.68 4.28
C LYS A 40 8.97 0.28 4.19
N CYS A 41 8.76 -0.40 3.10
CA CYS A 41 9.33 -1.77 2.95
C CYS A 41 9.62 -2.06 1.48
N PRO A 42 10.87 -2.33 1.20
CA PRO A 42 11.28 -2.64 -0.20
C PRO A 42 10.80 -4.03 -0.61
N ILE A 1 -13.41 3.52 -13.99
CA ILE A 1 -12.16 2.84 -13.56
C ILE A 1 -11.79 3.24 -12.13
N PRO A 2 -12.00 2.32 -11.23
CA PRO A 2 -11.68 2.57 -9.80
C PRO A 2 -10.18 2.44 -9.54
N TYR A 3 -9.59 3.39 -8.85
CA TYR A 3 -8.14 3.33 -8.55
C TYR A 3 -7.86 3.91 -7.17
N CYS A 4 -7.19 3.18 -6.32
CA CYS A 4 -6.90 3.71 -4.95
C CYS A 4 -5.69 4.64 -4.98
N GLY A 5 -5.84 5.81 -5.54
CA GLY A 5 -4.71 6.78 -5.58
C GLY A 5 -3.96 6.63 -6.91
N GLN A 6 -3.03 7.51 -7.16
CA GLN A 6 -2.25 7.42 -8.43
C GLN A 6 -1.32 6.21 -8.40
N THR A 7 -0.79 5.89 -7.26
CA THR A 7 0.14 4.72 -7.16
C THR A 7 -0.20 3.87 -5.93
N GLY A 8 0.62 2.89 -5.63
CA GLY A 8 0.35 2.03 -4.45
C GLY A 8 0.73 2.79 -3.18
N ALA A 9 1.68 3.68 -3.27
CA ALA A 9 2.08 4.46 -2.06
C ALA A 9 0.90 5.27 -1.53
N GLU A 10 -0.03 5.60 -2.38
CA GLU A 10 -1.21 6.39 -1.92
C GLU A 10 -2.20 5.48 -1.20
N CYS A 11 -2.23 4.23 -1.54
CA CYS A 11 -3.18 3.29 -0.86
C CYS A 11 -2.50 2.63 0.34
N TYR A 12 -1.20 2.55 0.31
CA TYR A 12 -0.46 1.92 1.45
C TYR A 12 -0.93 2.52 2.78
N SER A 13 -0.95 3.83 2.88
CA SER A 13 -1.36 4.47 4.16
C SER A 13 -2.64 3.84 4.72
N TRP A 14 -3.73 3.91 4.00
CA TRP A 14 -5.00 3.32 4.51
C TRP A 14 -4.87 1.80 4.64
N CYS A 15 -4.26 1.17 3.68
CA CYS A 15 -4.08 -0.31 3.74
C CYS A 15 -3.42 -0.72 5.06
N ILE A 16 -2.80 0.20 5.74
CA ILE A 16 -2.14 -0.14 7.04
C ILE A 16 -3.15 -0.06 8.17
N LYS A 17 -4.27 0.57 7.95
CA LYS A 17 -5.30 0.68 9.04
C LYS A 17 -5.48 -0.68 9.72
N GLN A 18 -5.53 -1.74 8.96
CA GLN A 18 -5.70 -3.09 9.57
C GLN A 18 -4.54 -3.34 10.54
N ASP A 19 -3.42 -2.70 10.31
CA ASP A 19 -2.25 -2.90 11.20
C ASP A 19 -1.90 -4.38 11.32
N LEU A 20 -1.89 -5.11 10.23
CA LEU A 20 -1.52 -6.56 10.32
C LEU A 20 -0.01 -6.69 10.45
N SER A 21 0.72 -5.85 9.78
CA SER A 21 2.21 -5.90 9.86
C SER A 21 2.81 -5.04 8.74
N LYS A 22 3.82 -4.26 9.03
CA LYS A 22 4.43 -3.40 7.99
C LYS A 22 4.77 -4.22 6.74
N ASP A 23 4.87 -5.52 6.88
CA ASP A 23 5.20 -6.37 5.70
C ASP A 23 3.90 -6.84 5.03
N TRP A 24 2.79 -6.69 5.68
CA TRP A 24 1.50 -7.12 5.08
C TRP A 24 1.03 -6.09 4.04
N CYS A 25 0.92 -4.86 4.44
CA CYS A 25 0.45 -3.81 3.49
C CYS A 25 1.42 -3.67 2.32
N CYS A 26 2.69 -3.60 2.58
CA CYS A 26 3.67 -3.45 1.48
C CYS A 26 3.31 -4.42 0.33
N ASP A 27 2.77 -5.56 0.67
CA ASP A 27 2.40 -6.54 -0.40
C ASP A 27 1.00 -6.25 -0.93
N PHE A 28 0.14 -5.71 -0.11
CA PHE A 28 -1.25 -5.41 -0.57
C PHE A 28 -1.24 -4.33 -1.65
N VAL A 29 -0.32 -3.40 -1.59
CA VAL A 29 -0.29 -2.32 -2.62
C VAL A 29 0.00 -2.93 -4.00
N LYS A 30 0.88 -3.89 -4.08
CA LYS A 30 1.19 -4.51 -5.39
C LYS A 30 0.14 -5.59 -5.72
N ASP A 31 -0.53 -6.08 -4.72
CA ASP A 31 -1.57 -7.13 -4.97
C ASP A 31 -2.71 -6.54 -5.80
N ILE A 32 -2.96 -5.26 -5.66
CA ILE A 32 -4.06 -4.63 -6.45
C ILE A 32 -3.54 -4.19 -7.83
N ARG A 33 -2.43 -4.74 -8.26
CA ARG A 33 -1.88 -4.37 -9.60
C ARG A 33 -1.31 -2.95 -9.57
N MET A 34 -0.31 -2.70 -8.78
CA MET A 34 0.29 -1.33 -8.74
C MET A 34 1.80 -1.43 -8.55
N ASN A 35 2.47 -0.31 -8.42
CA ASN A 35 3.94 -0.35 -8.24
C ASN A 35 4.31 -0.19 -6.76
N PRO A 36 5.03 -1.15 -6.25
CA PRO A 36 5.45 -1.12 -4.83
C PRO A 36 6.57 -0.11 -4.60
N PRO A 37 6.28 0.90 -3.84
CA PRO A 37 7.28 1.94 -3.53
C PRO A 37 8.19 1.46 -2.39
N ALA A 38 9.48 1.46 -2.60
CA ALA A 38 10.41 1.00 -1.53
C ALA A 38 10.77 2.18 -0.61
N ASP A 39 9.89 3.12 -0.45
CA ASP A 39 10.20 4.28 0.43
C ASP A 39 9.25 4.29 1.63
N LYS A 40 8.03 3.85 1.45
CA LYS A 40 7.06 3.83 2.58
C LYS A 40 6.94 2.43 3.17
N CYS A 41 7.93 1.60 2.95
CA CYS A 41 7.86 0.21 3.50
C CYS A 41 9.01 -0.03 4.49
N PRO A 42 8.90 0.59 5.63
CA PRO A 42 9.94 0.46 6.68
C PRO A 42 9.82 -0.90 7.37
N ILE A 1 -7.50 7.38 -14.29
CA ILE A 1 -8.40 6.44 -13.57
C ILE A 1 -7.67 5.86 -12.34
N PRO A 2 -7.24 6.74 -11.50
CA PRO A 2 -6.52 6.34 -10.26
C PRO A 2 -7.51 5.79 -9.22
N TYR A 3 -7.08 5.67 -7.99
CA TYR A 3 -7.99 5.14 -6.93
C TYR A 3 -7.89 6.00 -5.68
N CYS A 4 -6.69 6.24 -5.23
CA CYS A 4 -6.50 7.06 -4.00
C CYS A 4 -5.15 7.79 -4.05
N GLY A 5 -4.67 8.13 -5.22
CA GLY A 5 -3.38 8.86 -5.32
C GLY A 5 -2.62 8.41 -6.56
N GLN A 6 -3.07 7.37 -7.21
CA GLN A 6 -2.37 6.89 -8.45
C GLN A 6 -1.03 6.23 -8.09
N THR A 7 -0.70 6.14 -6.84
CA THR A 7 0.59 5.50 -6.44
C THR A 7 0.34 4.35 -5.47
N GLY A 8 0.96 3.24 -5.67
CA GLY A 8 0.75 2.08 -4.75
C GLY A 8 0.71 2.55 -3.29
N ALA A 9 1.60 3.42 -2.91
CA ALA A 9 1.60 3.91 -1.50
C ALA A 9 0.36 4.77 -1.22
N GLU A 10 -0.27 5.24 -2.25
CA GLU A 10 -1.47 6.10 -2.05
C GLU A 10 -2.50 5.45 -1.11
N CYS A 11 -2.83 4.21 -1.32
CA CYS A 11 -3.82 3.55 -0.42
C CYS A 11 -3.12 2.78 0.69
N TYR A 12 -1.87 2.43 0.49
CA TYR A 12 -1.14 1.67 1.55
C TYR A 12 -1.43 2.26 2.93
N SER A 13 -1.33 3.55 3.08
CA SER A 13 -1.61 4.16 4.42
C SER A 13 -2.89 3.55 5.01
N TRP A 14 -3.99 3.69 4.33
CA TRP A 14 -5.26 3.10 4.84
C TRP A 14 -5.13 1.58 4.91
N CYS A 15 -4.53 0.98 3.92
CA CYS A 15 -4.36 -0.49 3.93
C CYS A 15 -3.88 -0.96 5.32
N ILE A 16 -3.03 -0.19 5.94
CA ILE A 16 -2.54 -0.59 7.30
C ILE A 16 -3.70 -0.67 8.28
N LYS A 17 -4.83 -0.13 7.93
CA LYS A 17 -6.00 -0.20 8.86
C LYS A 17 -6.12 -1.60 9.44
N GLN A 18 -5.96 -2.61 8.65
CA GLN A 18 -6.05 -4.00 9.18
C GLN A 18 -5.25 -4.09 10.48
N ASP A 19 -4.24 -3.28 10.60
CA ASP A 19 -3.41 -3.29 11.85
C ASP A 19 -2.49 -4.52 11.91
N LEU A 20 -2.19 -5.15 10.81
CA LEU A 20 -1.29 -6.34 10.88
C LEU A 20 0.16 -5.86 11.04
N SER A 21 0.63 -5.04 10.14
CA SER A 21 2.03 -4.53 10.23
C SER A 21 2.34 -3.60 9.05
N LYS A 22 3.52 -3.03 9.04
CA LYS A 22 3.88 -2.11 7.92
C LYS A 22 4.30 -2.92 6.69
N ASP A 23 4.79 -4.11 6.90
CA ASP A 23 5.20 -4.96 5.76
C ASP A 23 4.00 -5.82 5.33
N TRP A 24 2.97 -5.83 6.13
CA TRP A 24 1.77 -6.64 5.80
C TRP A 24 1.08 -6.05 4.56
N CYS A 25 0.83 -4.77 4.57
CA CYS A 25 0.14 -4.14 3.40
C CYS A 25 1.15 -3.78 2.32
N CYS A 26 2.39 -3.61 2.67
CA CYS A 26 3.42 -3.27 1.64
C CYS A 26 3.21 -4.18 0.42
N ASP A 27 2.85 -5.41 0.65
CA ASP A 27 2.62 -6.35 -0.49
C ASP A 27 1.18 -6.23 -0.99
N PHE A 28 0.24 -5.98 -0.10
CA PHE A 28 -1.18 -5.85 -0.55
C PHE A 28 -1.25 -4.95 -1.78
N VAL A 29 -0.90 -3.70 -1.63
CA VAL A 29 -0.95 -2.77 -2.80
C VAL A 29 -0.27 -3.43 -4.00
N LYS A 30 0.83 -4.09 -3.78
CA LYS A 30 1.53 -4.75 -4.92
C LYS A 30 0.62 -5.81 -5.55
N ASP A 31 -0.32 -6.32 -4.80
CA ASP A 31 -1.24 -7.35 -5.36
C ASP A 31 -2.31 -6.71 -6.25
N ILE A 32 -2.64 -5.46 -6.02
CA ILE A 32 -3.68 -4.81 -6.87
C ILE A 32 -3.02 -4.18 -8.10
N ARG A 33 -2.01 -4.81 -8.63
CA ARG A 33 -1.33 -4.25 -9.84
C ARG A 33 -0.97 -2.78 -9.63
N MET A 34 -0.24 -2.48 -8.60
CA MET A 34 0.16 -1.06 -8.34
C MET A 34 1.67 -0.99 -8.10
N ASN A 35 2.26 0.17 -8.24
CA ASN A 35 3.72 0.29 -8.02
C ASN A 35 4.02 0.90 -6.65
N PRO A 36 4.46 0.05 -5.75
CA PRO A 36 4.80 0.49 -4.38
C PRO A 36 6.15 1.20 -4.37
N PRO A 37 6.35 1.99 -3.34
CA PRO A 37 7.62 2.73 -3.20
C PRO A 37 8.74 1.79 -2.71
N ALA A 38 9.89 1.83 -3.33
CA ALA A 38 11.00 0.94 -2.90
C ALA A 38 11.76 1.58 -1.72
N ASP A 39 11.36 2.75 -1.31
CA ASP A 39 12.05 3.42 -0.18
C ASP A 39 11.18 3.35 1.08
N LYS A 40 9.96 2.93 0.95
CA LYS A 40 9.06 2.85 2.13
C LYS A 40 8.75 1.38 2.46
N CYS A 41 8.62 0.55 1.47
CA CYS A 41 8.32 -0.89 1.73
C CYS A 41 9.53 -1.76 1.36
N PRO A 42 10.57 -1.63 2.14
CA PRO A 42 11.80 -2.42 1.89
C PRO A 42 11.57 -3.89 2.24
N ILE A 1 -14.16 0.35 -7.34
CA ILE A 1 -14.45 1.13 -6.10
C ILE A 1 -13.16 1.49 -5.35
N PRO A 2 -12.26 2.11 -6.06
CA PRO A 2 -10.96 2.52 -5.45
C PRO A 2 -11.20 3.65 -4.44
N TYR A 3 -11.40 3.31 -3.20
CA TYR A 3 -11.65 4.37 -2.17
C TYR A 3 -10.35 4.82 -1.51
N CYS A 4 -9.30 4.07 -1.66
CA CYS A 4 -7.99 4.48 -1.04
C CYS A 4 -7.25 5.43 -1.97
N GLY A 5 -7.94 6.33 -2.60
CA GLY A 5 -7.27 7.29 -3.53
C GLY A 5 -7.18 6.67 -4.93
N GLN A 6 -6.13 6.97 -5.65
CA GLN A 6 -5.99 6.39 -7.02
C GLN A 6 -4.52 6.06 -7.30
N THR A 7 -3.71 6.04 -6.28
CA THR A 7 -2.27 5.73 -6.48
C THR A 7 -1.81 4.67 -5.49
N GLY A 8 -1.20 3.62 -5.97
CA GLY A 8 -0.73 2.54 -5.04
C GLY A 8 0.16 3.16 -3.97
N ALA A 9 0.67 4.34 -4.21
CA ALA A 9 1.56 4.99 -3.20
C ALA A 9 0.74 5.50 -2.02
N GLU A 10 -0.36 6.17 -2.29
CA GLU A 10 -1.19 6.68 -1.17
C GLU A 10 -2.00 5.54 -0.54
N CYS A 11 -2.39 4.57 -1.32
CA CYS A 11 -3.17 3.43 -0.77
C CYS A 11 -2.36 2.73 0.32
N TYR A 12 -1.07 2.65 0.13
CA TYR A 12 -0.19 2.00 1.14
C TYR A 12 -0.53 2.51 2.54
N SER A 13 -0.98 3.73 2.63
CA SER A 13 -1.32 4.31 3.97
C SER A 13 -2.56 3.64 4.55
N TRP A 14 -3.44 3.13 3.73
CA TRP A 14 -4.67 2.48 4.27
C TRP A 14 -4.37 1.06 4.76
N CYS A 15 -3.93 0.21 3.88
CA CYS A 15 -3.61 -1.20 4.29
C CYS A 15 -2.87 -1.20 5.64
N ILE A 16 -2.15 -0.15 5.94
CA ILE A 16 -1.41 -0.10 7.22
C ILE A 16 -2.35 0.29 8.37
N LYS A 17 -3.44 0.92 8.05
CA LYS A 17 -4.40 1.32 9.12
C LYS A 17 -5.14 0.08 9.64
N GLN A 18 -5.31 -0.92 8.82
CA GLN A 18 -6.01 -2.15 9.27
C GLN A 18 -5.37 -2.64 10.59
N ASP A 19 -4.15 -2.25 10.84
CA ASP A 19 -3.45 -2.67 12.10
C ASP A 19 -2.98 -4.12 12.02
N LEU A 20 -2.45 -4.54 10.90
CA LEU A 20 -1.96 -5.94 10.80
C LEU A 20 -0.44 -5.96 10.96
N SER A 21 0.24 -5.23 10.11
CA SER A 21 1.74 -5.19 10.19
C SER A 21 2.29 -4.49 8.94
N LYS A 22 3.33 -3.72 9.09
CA LYS A 22 3.89 -3.01 7.90
C LYS A 22 4.06 -3.99 6.73
N ASP A 23 4.58 -5.16 7.00
CA ASP A 23 4.77 -6.16 5.90
C ASP A 23 3.41 -6.63 5.39
N TRP A 24 2.38 -6.48 6.17
CA TRP A 24 1.03 -6.91 5.73
C TRP A 24 0.58 -6.12 4.49
N CYS A 25 0.93 -4.85 4.43
CA CYS A 25 0.52 -4.03 3.25
C CYS A 25 1.59 -4.09 2.17
N CYS A 26 2.83 -4.26 2.54
CA CYS A 26 3.90 -4.30 1.50
C CYS A 26 3.47 -5.15 0.31
N ASP A 27 2.93 -6.31 0.56
CA ASP A 27 2.48 -7.18 -0.56
C ASP A 27 1.04 -6.83 -0.97
N PHE A 28 0.27 -6.24 -0.08
CA PHE A 28 -1.15 -5.90 -0.43
C PHE A 28 -1.19 -5.02 -1.69
N VAL A 29 -0.67 -3.83 -1.63
CA VAL A 29 -0.71 -2.94 -2.83
C VAL A 29 0.17 -3.52 -3.92
N LYS A 30 1.17 -4.28 -3.58
CA LYS A 30 2.05 -4.88 -4.61
C LYS A 30 1.32 -6.03 -5.31
N ASP A 31 0.32 -6.57 -4.68
CA ASP A 31 -0.45 -7.69 -5.30
C ASP A 31 -1.43 -7.17 -6.35
N ILE A 32 -1.75 -5.91 -6.30
CA ILE A 32 -2.70 -5.34 -7.31
C ILE A 32 -1.94 -4.72 -8.48
N ARG A 33 -0.77 -5.23 -8.76
CA ARG A 33 0.03 -4.70 -9.91
C ARG A 33 0.03 -3.17 -9.92
N MET A 34 0.30 -2.55 -8.81
CA MET A 34 0.33 -1.07 -8.77
C MET A 34 1.77 -0.58 -8.62
N ASN A 35 1.96 0.69 -8.37
CA ASN A 35 3.35 1.21 -8.22
C ASN A 35 3.54 1.82 -6.82
N PRO A 36 3.82 0.98 -5.87
CA PRO A 36 4.03 1.42 -4.48
C PRO A 36 5.39 2.09 -4.33
N PRO A 37 5.59 2.69 -3.19
CA PRO A 37 6.87 3.38 -2.89
C PRO A 37 7.96 2.36 -2.55
N ALA A 38 9.15 2.57 -3.05
CA ALA A 38 10.24 1.60 -2.75
C ALA A 38 10.98 2.02 -1.47
N ASP A 39 10.27 2.59 -0.54
CA ASP A 39 10.91 3.02 0.73
C ASP A 39 9.95 2.74 1.89
N LYS A 40 8.99 1.89 1.67
CA LYS A 40 8.00 1.57 2.74
C LYS A 40 7.98 0.06 3.01
N CYS A 41 8.59 -0.72 2.16
CA CYS A 41 8.61 -2.20 2.38
C CYS A 41 9.89 -2.60 3.12
N PRO A 42 9.73 -3.51 4.05
CA PRO A 42 10.89 -3.99 4.85
C PRO A 42 11.78 -4.90 3.99
N ILE A 1 -12.78 14.38 -1.19
CA ILE A 1 -12.07 13.29 -0.45
C ILE A 1 -12.04 12.02 -1.30
N PRO A 2 -10.90 11.76 -1.87
CA PRO A 2 -10.72 10.55 -2.72
C PRO A 2 -10.66 9.29 -1.85
N TYR A 3 -10.11 8.22 -2.36
CA TYR A 3 -10.02 6.97 -1.56
C TYR A 3 -8.57 6.50 -1.44
N CYS A 4 -8.03 5.98 -2.50
CA CYS A 4 -6.61 5.50 -2.46
C CYS A 4 -5.66 6.60 -2.91
N GLY A 5 -6.18 7.70 -3.38
CA GLY A 5 -5.30 8.82 -3.84
C GLY A 5 -5.04 8.68 -5.34
N GLN A 6 -3.94 8.09 -5.71
CA GLN A 6 -3.62 7.92 -7.16
C GLN A 6 -2.60 6.80 -7.36
N THR A 7 -1.55 6.78 -6.59
CA THR A 7 -0.53 5.71 -6.75
C THR A 7 -0.52 4.78 -5.53
N GLY A 8 -0.13 3.56 -5.71
CA GLY A 8 -0.09 2.60 -4.57
C GLY A 8 0.56 3.27 -3.36
N ALA A 9 1.49 4.15 -3.59
CA ALA A 9 2.16 4.84 -2.44
C ALA A 9 1.12 5.52 -1.55
N GLU A 10 0.07 6.03 -2.12
CA GLU A 10 -0.98 6.71 -1.30
C GLU A 10 -1.82 5.66 -0.57
N CYS A 11 -2.03 4.52 -1.17
CA CYS A 11 -2.84 3.46 -0.51
C CYS A 11 -2.09 2.90 0.71
N TYR A 12 -0.78 2.94 0.67
CA TYR A 12 0.03 2.43 1.81
C TYR A 12 -0.61 2.81 3.14
N SER A 13 -1.29 3.93 3.17
CA SER A 13 -1.93 4.36 4.46
C SER A 13 -3.18 3.53 4.75
N TRP A 14 -3.96 3.23 3.75
CA TRP A 14 -5.20 2.44 3.99
C TRP A 14 -4.86 1.01 4.42
N CYS A 15 -4.17 0.28 3.59
CA CYS A 15 -3.80 -1.13 3.95
C CYS A 15 -3.31 -1.21 5.39
N ILE A 16 -2.59 -0.22 5.85
CA ILE A 16 -2.05 -0.25 7.24
C ILE A 16 -3.17 -0.06 8.28
N LYS A 17 -4.28 0.51 7.89
CA LYS A 17 -5.38 0.71 8.88
C LYS A 17 -5.88 -0.64 9.40
N GLN A 18 -5.61 -1.70 8.68
CA GLN A 18 -6.07 -3.05 9.14
C GLN A 18 -5.26 -3.48 10.37
N ASP A 19 -4.09 -2.92 10.55
CA ASP A 19 -3.25 -3.28 11.72
C ASP A 19 -2.78 -4.74 11.63
N LEU A 20 -2.40 -5.18 10.46
CA LEU A 20 -1.91 -6.59 10.34
C LEU A 20 -0.39 -6.63 10.52
N SER A 21 0.31 -5.79 9.82
CA SER A 21 1.80 -5.76 9.94
C SER A 21 2.40 -4.82 8.88
N LYS A 22 3.33 -3.98 9.27
CA LYS A 22 3.93 -3.05 8.28
C LYS A 22 4.38 -3.82 7.03
N ASP A 23 4.59 -5.09 7.16
CA ASP A 23 5.02 -5.90 5.99
C ASP A 23 3.79 -6.48 5.28
N TRP A 24 2.64 -6.33 5.90
CA TRP A 24 1.39 -6.87 5.27
C TRP A 24 0.95 -5.95 4.12
N CYS A 25 0.84 -4.67 4.39
CA CYS A 25 0.42 -3.72 3.32
C CYS A 25 1.48 -3.67 2.21
N CYS A 26 2.73 -3.59 2.57
CA CYS A 26 3.80 -3.53 1.53
C CYS A 26 3.51 -4.59 0.45
N ASP A 27 2.98 -5.71 0.85
CA ASP A 27 2.66 -6.79 -0.14
C ASP A 27 1.28 -6.56 -0.73
N PHE A 28 0.47 -5.75 -0.11
CA PHE A 28 -0.90 -5.51 -0.64
C PHE A 28 -0.89 -4.52 -1.82
N VAL A 29 -0.32 -3.36 -1.64
CA VAL A 29 -0.30 -2.37 -2.76
C VAL A 29 0.16 -3.05 -4.05
N LYS A 30 0.99 -4.04 -3.95
CA LYS A 30 1.47 -4.73 -5.19
C LYS A 30 0.47 -5.82 -5.62
N ASP A 31 -0.13 -6.49 -4.67
CA ASP A 31 -1.11 -7.56 -5.01
C ASP A 31 -2.27 -6.95 -5.82
N ILE A 32 -2.49 -5.67 -5.69
CA ILE A 32 -3.60 -5.03 -6.46
C ILE A 32 -3.10 -4.60 -7.84
N ARG A 33 -2.05 -5.22 -8.33
CA ARG A 33 -1.52 -4.84 -9.67
C ARG A 33 -1.14 -3.36 -9.70
N MET A 34 -0.42 -2.89 -8.71
CA MET A 34 -0.02 -1.45 -8.70
C MET A 34 1.50 -1.34 -8.54
N ASN A 35 2.00 -0.13 -8.41
CA ASN A 35 3.47 0.05 -8.26
C ASN A 35 3.81 0.32 -6.80
N PRO A 36 4.31 -0.68 -6.13
CA PRO A 36 4.68 -0.55 -4.70
C PRO A 36 5.95 0.29 -4.55
N PRO A 37 5.90 1.18 -3.58
CA PRO A 37 7.05 2.06 -3.31
C PRO A 37 8.14 1.29 -2.55
N ALA A 38 9.37 1.46 -2.94
CA ALA A 38 10.48 0.74 -2.24
C ALA A 38 11.05 1.61 -1.12
N ASP A 39 10.98 2.90 -1.27
CA ASP A 39 11.52 3.81 -0.22
C ASP A 39 10.42 4.18 0.79
N LYS A 40 9.34 3.44 0.79
CA LYS A 40 8.23 3.76 1.75
C LYS A 40 7.95 2.55 2.65
N CYS A 41 8.44 1.40 2.27
CA CYS A 41 8.20 0.19 3.10
C CYS A 41 9.51 -0.28 3.74
N PRO A 42 9.92 0.44 4.74
CA PRO A 42 11.17 0.10 5.46
C PRO A 42 10.98 -1.15 6.33
N ILE A 1 -13.46 10.63 1.38
CA ILE A 1 -13.64 9.23 1.86
C ILE A 1 -12.28 8.51 1.91
N PRO A 2 -11.84 8.23 3.11
CA PRO A 2 -10.54 7.54 3.30
C PRO A 2 -10.68 6.04 2.99
N TYR A 3 -10.03 5.56 1.96
CA TYR A 3 -10.14 4.12 1.62
C TYR A 3 -8.89 3.64 0.88
N CYS A 4 -8.43 4.41 -0.06
CA CYS A 4 -7.22 4.01 -0.84
C CYS A 4 -6.73 5.15 -1.72
N GLY A 5 -7.48 5.47 -2.75
CA GLY A 5 -7.05 6.57 -3.67
C GLY A 5 -7.03 6.05 -5.10
N GLN A 6 -6.14 6.54 -5.92
CA GLN A 6 -6.08 6.05 -7.32
C GLN A 6 -4.69 5.48 -7.63
N THR A 7 -3.87 5.30 -6.63
CA THR A 7 -2.51 4.75 -6.87
C THR A 7 -2.11 3.81 -5.73
N GLY A 8 -1.01 3.12 -5.87
CA GLY A 8 -0.57 2.19 -4.80
C GLY A 8 0.07 2.98 -3.65
N ALA A 9 0.74 4.07 -3.95
CA ALA A 9 1.36 4.86 -2.86
C ALA A 9 0.33 5.25 -1.81
N GLU A 10 -0.77 5.81 -2.22
CA GLU A 10 -1.82 6.21 -1.24
C GLU A 10 -2.35 4.97 -0.51
N CYS A 11 -2.59 3.91 -1.23
CA CYS A 11 -3.11 2.67 -0.57
C CYS A 11 -2.07 2.08 0.38
N TYR A 12 -0.81 2.29 0.11
CA TYR A 12 0.27 1.73 0.98
C TYR A 12 0.11 2.22 2.43
N SER A 13 -0.43 3.39 2.62
CA SER A 13 -0.60 3.90 4.01
C SER A 13 -1.80 3.22 4.68
N TRP A 14 -2.87 3.06 3.95
CA TRP A 14 -4.07 2.39 4.52
C TRP A 14 -3.70 1.01 5.05
N CYS A 15 -3.27 0.14 4.17
CA CYS A 15 -2.89 -1.24 4.60
C CYS A 15 -2.06 -1.17 5.89
N ILE A 16 -1.28 -0.13 6.07
CA ILE A 16 -0.46 -0.03 7.32
C ILE A 16 -1.27 0.65 8.43
N LYS A 17 -1.78 1.83 8.18
CA LYS A 17 -2.57 2.53 9.22
C LYS A 17 -3.55 1.57 9.90
N GLN A 18 -4.14 0.69 9.14
CA GLN A 18 -5.09 -0.28 9.73
C GLN A 18 -4.43 -1.02 10.90
N ASP A 19 -3.13 -1.16 10.88
CA ASP A 19 -2.41 -1.86 11.97
C ASP A 19 -2.61 -3.39 11.89
N LEU A 20 -2.41 -3.95 10.72
CA LEU A 20 -2.57 -5.44 10.58
C LEU A 20 -1.19 -6.11 10.61
N SER A 21 -0.31 -5.68 9.75
CA SER A 21 1.05 -6.29 9.72
C SER A 21 1.89 -5.62 8.64
N LYS A 22 3.17 -5.45 8.88
CA LYS A 22 4.04 -4.80 7.86
C LYS A 22 3.83 -5.44 6.48
N ASP A 23 4.05 -6.72 6.37
CA ASP A 23 3.86 -7.40 5.06
C ASP A 23 2.40 -7.24 4.63
N TRP A 24 1.51 -7.16 5.57
CA TRP A 24 0.08 -7.00 5.22
C TRP A 24 -0.08 -5.97 4.10
N CYS A 25 0.65 -4.88 4.20
CA CYS A 25 0.54 -3.83 3.16
C CYS A 25 1.53 -4.06 2.01
N CYS A 26 2.78 -4.19 2.32
CA CYS A 26 3.80 -4.39 1.24
C CYS A 26 3.30 -5.39 0.19
N ASP A 27 2.85 -6.54 0.60
CA ASP A 27 2.37 -7.54 -0.39
C ASP A 27 0.97 -7.18 -0.88
N PHE A 28 0.26 -6.35 -0.16
CA PHE A 28 -1.12 -5.98 -0.58
C PHE A 28 -1.09 -5.13 -1.87
N VAL A 29 -0.53 -3.96 -1.82
CA VAL A 29 -0.48 -3.11 -3.05
C VAL A 29 0.30 -3.83 -4.15
N LYS A 30 1.47 -4.29 -3.85
CA LYS A 30 2.26 -5.01 -4.90
C LYS A 30 1.36 -6.00 -5.64
N ASP A 31 0.34 -6.49 -5.00
CA ASP A 31 -0.57 -7.47 -5.65
C ASP A 31 -1.60 -6.78 -6.56
N ILE A 32 -1.94 -5.55 -6.28
CA ILE A 32 -2.96 -4.85 -7.13
C ILE A 32 -2.30 -4.23 -8.36
N ARG A 33 -1.31 -4.88 -8.91
CA ARG A 33 -0.64 -4.33 -10.14
C ARG A 33 -0.47 -2.82 -10.04
N MET A 34 0.51 -2.36 -9.31
CA MET A 34 0.72 -0.89 -9.18
C MET A 34 2.21 -0.58 -9.01
N ASN A 35 2.53 0.63 -8.66
CA ASN A 35 3.97 1.00 -8.47
C ASN A 35 4.28 1.14 -6.97
N PRO A 36 4.71 0.05 -6.39
CA PRO A 36 5.04 0.04 -4.94
C PRO A 36 6.36 0.76 -4.69
N PRO A 37 6.29 1.81 -3.92
CA PRO A 37 7.50 2.57 -3.59
C PRO A 37 8.22 1.92 -2.40
N ALA A 38 9.50 2.17 -2.27
CA ALA A 38 10.26 1.55 -1.13
C ALA A 38 10.29 2.51 0.06
N ASP A 39 9.29 3.32 0.21
CA ASP A 39 9.27 4.28 1.35
C ASP A 39 8.00 4.09 2.19
N LYS A 40 7.10 3.26 1.74
CA LYS A 40 5.84 3.03 2.50
C LYS A 40 6.00 1.80 3.41
N CYS A 41 7.01 1.01 3.20
CA CYS A 41 7.22 -0.18 4.06
C CYS A 41 8.40 0.05 5.01
N PRO A 42 8.07 0.20 6.26
CA PRO A 42 9.11 0.45 7.30
C PRO A 42 9.92 -0.83 7.55
N ILE A 1 -10.57 15.92 1.65
CA ILE A 1 -9.54 16.06 0.58
C ILE A 1 -8.77 14.76 0.40
N PRO A 2 -9.52 13.68 0.28
CA PRO A 2 -8.89 12.35 0.10
C PRO A 2 -8.33 12.21 -1.32
N TYR A 3 -7.28 11.46 -1.49
CA TYR A 3 -6.69 11.30 -2.85
C TYR A 3 -5.56 10.27 -2.84
N CYS A 4 -5.76 9.14 -3.46
CA CYS A 4 -4.68 8.11 -3.49
C CYS A 4 -3.89 8.21 -4.79
N GLY A 5 -4.02 9.32 -5.49
CA GLY A 5 -3.29 9.48 -6.77
C GLY A 5 -3.38 8.20 -7.59
N GLN A 6 -4.48 7.50 -7.48
CA GLN A 6 -4.63 6.24 -8.26
C GLN A 6 -3.37 5.38 -8.11
N THR A 7 -2.63 5.57 -7.06
CA THR A 7 -1.38 4.77 -6.87
C THR A 7 -1.43 4.05 -5.52
N GLY A 8 -0.79 2.91 -5.42
CA GLY A 8 -0.81 2.16 -4.14
C GLY A 8 0.03 2.89 -3.09
N ALA A 9 1.01 3.65 -3.51
CA ALA A 9 1.86 4.39 -2.55
C ALA A 9 1.00 5.30 -1.67
N GLU A 10 -0.10 5.78 -2.18
CA GLU A 10 -0.97 6.68 -1.38
C GLU A 10 -1.95 5.87 -0.52
N CYS A 11 -2.42 4.75 -1.01
CA CYS A 11 -3.38 3.92 -0.21
C CYS A 11 -2.63 3.14 0.87
N TYR A 12 -1.39 2.82 0.64
CA TYR A 12 -0.60 2.05 1.64
C TYR A 12 -0.90 2.57 3.06
N SER A 13 -1.20 3.83 3.18
CA SER A 13 -1.47 4.41 4.53
C SER A 13 -2.79 3.88 5.12
N TRP A 14 -3.76 3.61 4.32
CA TRP A 14 -5.06 3.11 4.88
C TRP A 14 -4.95 1.63 5.25
N CYS A 15 -4.67 0.79 4.30
CA CYS A 15 -4.57 -0.68 4.59
C CYS A 15 -3.82 -0.94 5.90
N ILE A 16 -2.97 -0.03 6.32
CA ILE A 16 -2.22 -0.27 7.58
C ILE A 16 -3.14 -0.14 8.80
N LYS A 17 -4.21 0.60 8.69
CA LYS A 17 -5.13 0.75 9.85
C LYS A 17 -5.70 -0.62 10.25
N GLN A 18 -5.65 -1.57 9.36
CA GLN A 18 -6.18 -2.92 9.68
C GLN A 18 -5.53 -3.43 10.98
N ASP A 19 -4.32 -2.99 11.21
CA ASP A 19 -3.55 -3.40 12.45
C ASP A 19 -2.86 -4.75 12.23
N LEU A 20 -2.37 -4.99 11.05
CA LEU A 20 -1.66 -6.29 10.79
C LEU A 20 -0.16 -6.07 10.92
N SER A 21 0.42 -5.34 10.00
CA SER A 21 1.88 -5.07 10.04
C SER A 21 2.33 -4.41 8.74
N LYS A 22 3.37 -3.63 8.78
CA LYS A 22 3.85 -2.97 7.54
C LYS A 22 3.94 -3.98 6.39
N ASP A 23 4.07 -5.23 6.71
CA ASP A 23 4.16 -6.27 5.64
C ASP A 23 2.75 -6.65 5.16
N TRP A 24 1.77 -6.49 5.99
CA TRP A 24 0.39 -6.84 5.58
C TRP A 24 -0.01 -6.04 4.33
N CYS A 25 0.15 -4.75 4.36
CA CYS A 25 -0.22 -3.94 3.17
C CYS A 25 0.93 -3.89 2.16
N CYS A 26 2.14 -3.89 2.62
CA CYS A 26 3.29 -3.84 1.65
C CYS A 26 3.04 -4.82 0.51
N ASP A 27 2.44 -5.94 0.82
CA ASP A 27 2.15 -6.94 -0.26
C ASP A 27 0.80 -6.62 -0.91
N PHE A 28 -0.10 -6.01 -0.20
CA PHE A 28 -1.44 -5.68 -0.79
C PHE A 28 -1.24 -4.79 -2.03
N VAL A 29 -0.76 -3.58 -1.85
CA VAL A 29 -0.55 -2.72 -3.05
C VAL A 29 0.30 -3.48 -4.05
N LYS A 30 1.22 -4.27 -3.58
CA LYS A 30 2.09 -5.07 -4.49
C LYS A 30 1.24 -6.14 -5.17
N ASP A 31 0.15 -6.52 -4.56
CA ASP A 31 -0.74 -7.56 -5.15
C ASP A 31 -1.62 -6.94 -6.24
N ILE A 32 -1.76 -5.65 -6.23
CA ILE A 32 -2.62 -4.98 -7.27
C ILE A 32 -1.74 -4.52 -8.44
N ARG A 33 -0.52 -4.98 -8.50
CA ARG A 33 0.38 -4.56 -9.61
C ARG A 33 0.60 -3.04 -9.55
N MET A 34 0.37 -2.45 -8.42
CA MET A 34 0.56 -0.97 -8.29
C MET A 34 2.04 -0.62 -8.39
N ASN A 35 2.40 0.59 -8.07
CA ASN A 35 3.84 0.99 -8.14
C ASN A 35 4.45 0.99 -6.74
N PRO A 36 5.28 0.01 -6.49
CA PRO A 36 5.94 -0.11 -5.17
C PRO A 36 7.05 0.93 -5.03
N PRO A 37 6.85 1.84 -4.12
CA PRO A 37 7.85 2.89 -3.88
C PRO A 37 8.98 2.36 -2.99
N ALA A 38 10.21 2.58 -3.38
CA ALA A 38 11.36 2.08 -2.57
C ALA A 38 11.39 2.78 -1.21
N ASP A 39 10.58 3.78 -1.02
CA ASP A 39 10.56 4.50 0.29
C ASP A 39 9.87 3.65 1.34
N LYS A 40 9.04 2.73 0.91
CA LYS A 40 8.32 1.86 1.90
C LYS A 40 8.82 0.42 1.81
N CYS A 41 8.60 -0.23 0.70
CA CYS A 41 9.06 -1.64 0.55
C CYS A 41 10.00 -1.77 -0.65
N PRO A 42 11.25 -1.96 -0.38
CA PRO A 42 12.26 -2.12 -1.45
C PRO A 42 12.10 -3.47 -2.15
#